data_8HAV
#
_entry.id   8HAV
#
_cell.length_a   59.055
_cell.length_b   121.441
_cell.length_c   157.383
_cell.angle_alpha   90.000
_cell.angle_beta   90.000
_cell.angle_gamma   90.000
#
_symmetry.space_group_name_H-M   'P 21 21 21'
#
loop_
_entity.id
_entity.type
_entity.pdbx_description
1 polymer 'Non-specific phospholipase C4'
2 non-polymer GLYCEROL
3 non-polymer DI(HYDROXYETHYL)ETHER
4 water water
#
_entity_poly.entity_id   1
_entity_poly.type   'polypeptide(L)'
_entity_poly.pdbx_seq_one_letter_code
;MIETTKGGSGSYPIKTIVVLVQENRSFDHTLGWFKELNREIDGVTKSDPKSNTVSSSDTNSLRVVFGDQSQYVNPDPGHS
IQDIYEQVFGKPWDSGKPDPNPGHPNMSGFAQNAERNKKGMSSAVMNGFKPNALPVYKELVQNFAICDRWFASVPASTQP
NRLYVHSATSHGATSNDAALLLEGFPQKTIFESLDEAGFSFGIYYQFPPSTLFYRNLRKLKYLTHFHQYGIQFKKDCKEG
KLPNYVVVEQRWFDLLSTPANDDHPSHDVSEGQKLVKEVYEALRSSPQWNEILFIITYDEHGGFYDHVPTPVDGVPNPDG
ILGPPPYNFEFNRLGVRVPTFFISPWIEPGTVIHGPNGPYPRSQYEHSSIPATVKTIFKLKDFLSKRDSWAGTFESVITR
DSPRQDCPETLSTPIKLRGTMAKENAQLSEFQEDLVIMAAGLKGDYKNEELIHKLCKETCVADASKYVTNAFEKFLEESR
KARDRGCDENDIVY
;
_entity_poly.pdbx_strand_id   A,B
#
loop_
_chem_comp.id
_chem_comp.type
_chem_comp.name
_chem_comp.formula
GOL non-polymer GLYCEROL 'C3 H8 O3'
PEG non-polymer DI(HYDROXYETHYL)ETHER 'C4 H10 O3'
#
# COMPACT_ATOMS: atom_id res chain seq x y z
N TYR A 12 29.50 26.59 4.56
CA TYR A 12 28.24 26.06 5.13
C TYR A 12 28.25 24.54 5.04
N PRO A 13 28.19 23.89 6.22
CA PRO A 13 28.52 22.47 6.30
C PRO A 13 27.44 21.49 5.86
N ILE A 14 26.20 21.94 5.61
CA ILE A 14 25.10 20.99 5.38
C ILE A 14 25.08 20.56 3.93
N LYS A 15 25.26 19.26 3.70
CA LYS A 15 25.19 18.68 2.37
C LYS A 15 24.11 17.62 2.24
N THR A 16 23.61 17.09 3.37
CA THR A 16 22.56 16.08 3.39
C THR A 16 21.42 16.55 4.28
N ILE A 17 20.21 16.68 3.72
CA ILE A 17 19.01 17.06 4.47
C ILE A 17 18.08 15.85 4.51
N VAL A 18 17.74 15.42 5.72
CA VAL A 18 16.92 14.23 5.95
C VAL A 18 15.60 14.69 6.57
N VAL A 19 14.48 14.16 6.05
CA VAL A 19 13.14 14.58 6.45
C VAL A 19 12.35 13.36 6.89
N LEU A 20 11.78 13.42 8.09
CA LEU A 20 10.88 12.38 8.61
C LEU A 20 9.58 13.05 9.04
N VAL A 21 8.46 12.69 8.39
CA VAL A 21 7.16 13.27 8.70
C VAL A 21 6.37 12.23 9.49
N GLN A 22 6.11 12.53 10.77
CA GLN A 22 5.29 11.71 11.66
C GLN A 22 3.81 12.04 11.47
N GLU A 23 2.93 11.39 12.25
CA GLU A 23 1.49 11.40 11.99
C GLU A 23 0.68 11.97 13.16
N ASN A 24 -0.15 12.98 12.86
CA ASN A 24 -1.35 13.29 13.63
C ASN A 24 -1.08 13.59 15.11
N ARG A 25 -0.24 14.60 15.38
CA ARG A 25 -0.05 15.04 16.78
C ARG A 25 0.22 16.54 16.84
N SER A 26 -0.39 17.22 17.82
CA SER A 26 -0.23 18.66 18.01
C SER A 26 1.01 18.96 18.84
N PHE A 27 1.43 20.24 18.81
CA PHE A 27 2.59 20.61 19.61
C PHE A 27 2.32 20.43 21.10
N ASP A 28 1.23 21.02 21.60
CA ASP A 28 0.96 20.96 23.04
C ASP A 28 0.80 19.51 23.51
N HIS A 29 0.17 18.67 22.70
CA HIS A 29 0.01 17.27 23.06
C HIS A 29 1.35 16.54 23.16
N THR A 30 2.27 16.82 22.24
CA THR A 30 3.52 16.05 22.23
C THR A 30 4.57 16.68 23.13
N LEU A 31 4.72 18.00 23.06
CA LEU A 31 5.83 18.70 23.69
C LEU A 31 5.42 19.80 24.64
N GLY A 32 4.11 20.02 24.84
CA GLY A 32 3.71 21.18 25.61
C GLY A 32 4.18 21.13 27.05
N TRP A 33 4.24 19.93 27.63
CA TRP A 33 4.68 19.78 29.01
C TRP A 33 6.20 19.78 29.13
N PHE A 34 6.93 19.82 28.01
CA PHE A 34 8.38 20.03 28.04
C PHE A 34 8.72 21.43 28.47
N LYS A 35 7.71 22.29 28.62
CA LYS A 35 7.97 23.62 29.11
C LYS A 35 8.57 23.64 30.52
N GLU A 36 8.33 22.64 31.37
CA GLU A 36 8.93 22.85 32.69
C GLU A 36 10.44 22.59 32.61
N LEU A 37 10.87 21.87 31.55
CA LEU A 37 12.29 21.66 31.25
C LEU A 37 12.94 22.88 30.62
N ASN A 38 12.15 23.75 30.01
CA ASN A 38 12.70 24.97 29.39
C ASN A 38 11.57 25.98 29.24
N ARG A 39 11.57 26.99 30.10
CA ARG A 39 10.49 27.99 30.08
C ARG A 39 10.37 28.65 28.71
N GLU A 40 11.47 28.69 27.94
CA GLU A 40 11.41 29.27 26.60
C GLU A 40 10.42 28.54 25.68
N ILE A 41 10.12 27.28 25.97
CA ILE A 41 9.19 26.54 25.11
C ILE A 41 7.79 27.11 25.30
N ASP A 42 7.13 27.49 24.20
CA ASP A 42 5.74 27.99 24.26
C ASP A 42 4.81 26.79 24.42
N GLY A 43 4.84 26.22 25.63
CA GLY A 43 4.07 25.04 25.95
C GLY A 43 2.99 25.39 26.94
N VAL A 44 2.72 24.49 27.89
CA VAL A 44 1.62 24.65 28.84
C VAL A 44 2.14 24.38 30.26
N THR A 45 1.39 24.89 31.25
CA THR A 45 1.72 24.73 32.66
C THR A 45 0.51 24.23 33.44
N LYS A 46 0.77 23.75 34.65
CA LYS A 46 -0.31 23.37 35.56
C LYS A 46 -0.91 24.58 36.27
N SER A 47 -0.11 25.65 36.45
CA SER A 47 -0.55 26.79 37.25
C SER A 47 -1.37 27.79 36.47
N ASP A 48 -1.19 27.86 35.15
CA ASP A 48 -2.01 28.70 34.27
C ASP A 48 -2.53 27.80 33.15
N PRO A 49 -3.42 26.87 33.49
CA PRO A 49 -3.75 25.78 32.57
C PRO A 49 -4.65 26.23 31.42
N LYS A 50 -4.49 25.53 30.30
CA LYS A 50 -5.38 25.66 29.14
C LYS A 50 -6.62 24.80 29.34
N SER A 51 -7.72 25.18 28.70
CA SER A 51 -8.96 24.40 28.82
C SER A 51 -9.88 24.68 27.65
N ASN A 52 -10.83 23.77 27.46
CA ASN A 52 -11.89 23.82 26.47
C ASN A 52 -13.15 23.35 27.19
N THR A 53 -14.32 23.81 26.77
CA THR A 53 -15.58 23.39 27.38
C THR A 53 -16.31 22.39 26.50
N VAL A 54 -17.10 21.52 27.14
CA VAL A 54 -17.89 20.51 26.43
C VAL A 54 -19.36 20.67 26.79
N SER A 55 -20.22 20.74 25.76
CA SER A 55 -21.67 20.78 25.88
C SER A 55 -22.23 19.44 25.44
N SER A 56 -23.20 18.93 26.20
CA SER A 56 -23.82 17.66 25.88
C SER A 56 -25.29 17.72 26.29
N SER A 57 -26.04 16.69 25.89
CA SER A 57 -27.44 16.61 26.28
C SER A 57 -27.55 16.56 27.80
N ASP A 58 -26.74 15.71 28.43
CA ASP A 58 -26.77 15.53 29.88
C ASP A 58 -26.27 16.77 30.62
N THR A 59 -25.17 17.39 30.16
CA THR A 59 -24.63 18.55 30.85
C THR A 59 -24.56 19.77 29.93
N ASN A 60 -24.94 20.95 30.44
CA ASN A 60 -24.84 22.16 29.63
C ASN A 60 -23.40 22.59 29.42
N SER A 61 -22.54 22.48 30.44
CA SER A 61 -21.17 22.92 30.25
C SER A 61 -20.24 22.26 31.25
N LEU A 62 -19.14 21.72 30.74
CA LEU A 62 -18.12 21.09 31.56
C LEU A 62 -16.78 21.64 31.09
N ARG A 63 -15.97 22.14 32.03
CA ARG A 63 -14.64 22.60 31.67
C ARG A 63 -13.67 21.43 31.68
N VAL A 64 -12.92 21.25 30.60
CA VAL A 64 -11.95 20.17 30.48
C VAL A 64 -10.57 20.79 30.46
N VAL A 65 -9.76 20.51 31.48
CA VAL A 65 -8.44 21.13 31.62
C VAL A 65 -7.44 20.31 30.83
N PHE A 66 -6.54 21.01 30.11
CA PHE A 66 -5.47 20.30 29.41
C PHE A 66 -4.48 19.76 30.44
N GLY A 67 -4.40 18.43 30.54
CA GLY A 67 -3.52 17.78 31.49
C GLY A 67 -2.31 17.09 30.84
N ASP A 68 -1.54 16.42 31.70
CA ASP A 68 -0.32 15.71 31.28
C ASP A 68 -0.44 14.21 31.42
N GLN A 69 -1.65 13.67 31.25
CA GLN A 69 -1.94 12.26 31.47
C GLN A 69 -2.14 11.48 30.17
N SER A 70 -1.51 11.90 29.08
CA SER A 70 -1.71 11.17 27.83
C SER A 70 -1.29 9.72 28.01
N GLN A 71 -2.16 8.82 27.56
CA GLN A 71 -1.84 7.41 27.54
C GLN A 71 -1.04 7.11 26.29
N TYR A 72 -0.32 5.98 26.31
CA TYR A 72 0.47 5.62 25.14
C TYR A 72 -0.42 5.24 23.96
N VAL A 73 -1.58 4.65 24.24
CA VAL A 73 -2.52 4.25 23.20
C VAL A 73 -3.71 5.20 23.23
N ASN A 74 -4.08 5.73 22.07
CA ASN A 74 -5.17 6.68 22.00
C ASN A 74 -5.96 6.44 20.73
N PRO A 75 -7.23 6.85 20.70
CA PRO A 75 -7.96 6.84 19.44
C PRO A 75 -7.43 7.95 18.53
N ASP A 76 -7.88 7.91 17.29
CA ASP A 76 -7.54 8.94 16.32
C ASP A 76 -8.62 10.02 16.36
N PRO A 77 -8.34 11.20 16.90
CA PRO A 77 -9.37 12.27 16.91
C PRO A 77 -9.69 12.78 15.52
N GLY A 78 -10.64 13.70 15.39
CA GLY A 78 -11.01 14.22 14.08
C GLY A 78 -9.99 15.22 13.55
N HIS A 79 -9.65 15.05 12.25
CA HIS A 79 -8.76 16.02 11.61
C HIS A 79 -9.14 16.24 10.14
N SER A 80 -10.42 16.16 9.82
CA SER A 80 -10.88 16.67 8.54
C SER A 80 -10.89 18.21 8.57
N ILE A 81 -10.95 18.82 7.38
CA ILE A 81 -11.03 20.27 7.32
C ILE A 81 -12.24 20.77 8.11
N GLN A 82 -13.35 20.03 8.05
CA GLN A 82 -14.55 20.47 8.78
C GLN A 82 -14.38 20.29 10.30
N ASP A 83 -13.73 19.19 10.73
CA ASP A 83 -13.42 19.06 12.16
C ASP A 83 -12.53 20.20 12.64
N ILE A 84 -11.47 20.51 11.89
CA ILE A 84 -10.48 21.50 12.32
C ILE A 84 -11.08 22.90 12.32
N TYR A 85 -12.03 23.16 11.42
CA TYR A 85 -12.78 24.41 11.47
C TYR A 85 -13.42 24.59 12.85
N GLU A 86 -14.10 23.55 13.35
CA GLU A 86 -14.70 23.63 14.67
C GLU A 86 -13.66 23.77 15.78
N GLN A 87 -12.55 23.03 15.68
CA GLN A 87 -11.50 23.10 16.70
C GLN A 87 -10.93 24.51 16.84
N VAL A 88 -10.57 25.16 15.72
CA VAL A 88 -9.86 26.42 15.83
C VAL A 88 -10.81 27.60 16.05
N PHE A 89 -12.03 27.55 15.51
CA PHE A 89 -12.98 28.67 15.61
C PHE A 89 -14.02 28.49 16.69
N GLY A 90 -14.12 27.30 17.29
CA GLY A 90 -15.09 27.11 18.35
C GLY A 90 -16.53 27.08 17.89
N LYS A 91 -16.79 26.77 16.62
CA LYS A 91 -18.16 26.61 16.13
C LYS A 91 -18.08 25.73 14.89
N PRO A 92 -19.10 24.93 14.64
CA PRO A 92 -19.05 24.03 13.49
C PRO A 92 -19.30 24.76 12.17
N TRP A 93 -18.75 24.16 11.10
CA TRP A 93 -19.10 24.54 9.73
C TRP A 93 -20.60 24.37 9.51
N ASP A 94 -21.17 25.27 8.69
CA ASP A 94 -22.61 25.25 8.39
C ASP A 94 -22.77 25.54 6.91
N SER A 95 -23.00 24.50 6.12
CA SER A 95 -23.13 24.68 4.68
C SER A 95 -24.36 25.48 4.29
N GLY A 96 -25.38 25.52 5.14
CA GLY A 96 -26.53 26.38 4.93
C GLY A 96 -26.36 27.80 5.45
N LYS A 97 -25.20 28.11 6.01
CA LYS A 97 -24.87 29.44 6.52
C LYS A 97 -23.36 29.59 6.47
N PRO A 98 -22.76 29.54 5.28
CA PRO A 98 -21.30 29.35 5.21
C PRO A 98 -20.54 30.56 5.72
N ASP A 99 -19.56 30.31 6.56
CA ASP A 99 -18.77 31.35 7.23
C ASP A 99 -17.30 30.98 7.11
N PRO A 100 -16.73 31.06 5.89
CA PRO A 100 -15.37 30.54 5.68
C PRO A 100 -14.28 31.32 6.40
N ASN A 101 -14.48 32.60 6.67
CA ASN A 101 -13.46 33.43 7.31
C ASN A 101 -14.09 34.16 8.48
N PRO A 102 -14.37 33.44 9.58
CA PRO A 102 -15.07 34.06 10.71
C PRO A 102 -14.20 34.97 11.56
N GLY A 103 -12.87 34.92 11.42
CA GLY A 103 -11.97 35.93 11.97
C GLY A 103 -11.23 35.57 13.25
N HIS A 104 -11.76 34.67 14.06
CA HIS A 104 -11.46 34.64 15.50
C HIS A 104 -10.96 33.26 15.94
N PRO A 105 -9.75 32.85 15.50
CA PRO A 105 -9.33 31.50 15.90
C PRO A 105 -9.00 31.52 17.38
N ASN A 106 -9.96 31.19 18.23
CA ASN A 106 -9.69 31.18 19.66
C ASN A 106 -9.34 29.79 20.17
N MET A 107 -9.29 28.78 19.29
CA MET A 107 -8.83 27.45 19.66
C MET A 107 -9.68 26.82 20.76
N SER A 108 -10.99 27.10 20.73
CA SER A 108 -11.87 26.72 21.82
C SER A 108 -12.72 25.49 21.50
N GLY A 109 -12.57 24.88 20.32
CA GLY A 109 -13.46 23.81 19.92
C GLY A 109 -12.90 22.40 19.89
N PHE A 110 -11.69 22.18 20.41
CA PHE A 110 -11.08 20.85 20.35
C PHE A 110 -11.88 19.83 21.18
N ALA A 111 -12.21 20.19 22.42
CA ALA A 111 -12.95 19.24 23.26
C ALA A 111 -14.33 18.96 22.69
N GLN A 112 -15.04 20.00 22.23
CA GLN A 112 -16.36 19.79 21.64
C GLN A 112 -16.26 18.95 20.38
N ASN A 113 -15.30 19.24 19.50
CA ASN A 113 -15.20 18.46 18.27
C ASN A 113 -14.86 17.02 18.59
N ALA A 114 -14.00 16.80 19.57
CA ALA A 114 -13.69 15.43 20.00
C ALA A 114 -14.95 14.70 20.44
N GLU A 115 -15.71 15.31 21.35
CA GLU A 115 -16.93 14.68 21.86
C GLU A 115 -17.95 14.42 20.75
N ARG A 116 -18.12 15.39 19.85
CA ARG A 116 -18.99 15.22 18.69
C ARG A 116 -18.59 14.00 17.87
N ASN A 117 -17.29 13.77 17.69
CA ASN A 117 -16.85 12.63 16.90
C ASN A 117 -16.97 11.32 17.66
N LYS A 118 -16.69 11.34 18.97
CA LYS A 118 -16.74 10.11 19.75
C LYS A 118 -16.86 10.48 21.21
N LYS A 119 -17.91 9.99 21.87
CA LYS A 119 -18.15 10.35 23.26
C LYS A 119 -16.95 9.93 24.11
N GLY A 120 -16.52 10.83 25.00
CA GLY A 120 -15.37 10.61 25.85
C GLY A 120 -14.02 10.92 25.23
N MET A 121 -13.94 11.20 23.93
CA MET A 121 -12.64 11.42 23.31
C MET A 121 -11.98 12.74 23.70
N SER A 122 -12.71 13.67 24.35
CA SER A 122 -12.04 14.89 24.79
C SER A 122 -10.92 14.61 25.79
N SER A 123 -10.99 13.48 26.50
CA SER A 123 -9.91 13.15 27.44
C SER A 123 -8.59 12.93 26.70
N ALA A 124 -8.61 12.20 25.59
CA ALA A 124 -7.38 12.06 24.80
C ALA A 124 -6.97 13.38 24.16
N VAL A 125 -7.94 14.11 23.60
CA VAL A 125 -7.63 15.35 22.89
C VAL A 125 -7.07 16.41 23.85
N MET A 126 -7.57 16.44 25.08
CA MET A 126 -7.18 17.42 26.09
C MET A 126 -6.09 16.90 27.05
N ASN A 127 -5.16 16.08 26.56
CA ASN A 127 -4.02 15.63 27.37
C ASN A 127 -2.75 15.64 26.52
N GLY A 128 -1.62 15.89 27.17
CA GLY A 128 -0.32 15.76 26.57
C GLY A 128 0.57 14.81 27.37
N PHE A 129 1.77 14.56 26.83
CA PHE A 129 2.70 13.61 27.42
C PHE A 129 3.65 14.29 28.40
N LYS A 130 3.90 13.62 29.53
CA LYS A 130 5.02 14.01 30.39
C LYS A 130 6.33 13.78 29.65
N PRO A 131 7.32 14.67 29.81
CA PRO A 131 8.60 14.45 29.10
C PRO A 131 9.18 13.07 29.32
N ASN A 132 9.16 12.56 30.55
CA ASN A 132 9.74 11.24 30.81
C ASN A 132 8.94 10.10 30.20
N ALA A 133 7.70 10.34 29.77
CA ALA A 133 6.98 9.30 29.05
C ALA A 133 7.44 9.16 27.61
N LEU A 134 8.17 10.15 27.09
CA LEU A 134 8.71 10.10 25.72
C LEU A 134 10.21 10.34 25.77
N PRO A 135 10.99 9.41 26.35
CA PRO A 135 12.44 9.67 26.54
C PRO A 135 13.18 9.97 25.26
N VAL A 136 12.83 9.32 24.14
CA VAL A 136 13.48 9.63 22.88
C VAL A 136 13.34 11.13 22.57
N TYR A 137 12.13 11.66 22.69
CA TYR A 137 11.91 13.08 22.39
C TYR A 137 12.55 13.98 23.43
N LYS A 138 12.49 13.60 24.71
CA LYS A 138 13.13 14.41 25.74
C LYS A 138 14.62 14.58 25.47
N GLU A 139 15.28 13.50 25.03
CA GLU A 139 16.70 13.59 24.74
C GLU A 139 16.96 14.45 23.51
N LEU A 140 16.13 14.30 22.48
CA LEU A 140 16.32 15.08 21.25
C LEU A 140 16.08 16.56 21.50
N VAL A 141 15.07 16.89 22.31
CA VAL A 141 14.82 18.29 22.66
C VAL A 141 16.01 18.86 23.42
N GLN A 142 16.53 18.10 24.39
CA GLN A 142 17.60 18.63 25.23
C GLN A 142 18.94 18.71 24.52
N ASN A 143 19.16 17.88 23.50
CA ASN A 143 20.44 17.86 22.80
C ASN A 143 20.44 18.63 21.49
N PHE A 144 19.27 19.02 20.98
CA PHE A 144 19.25 19.72 19.71
C PHE A 144 18.25 20.87 19.74
N ALA A 145 17.52 21.11 18.65
CA ALA A 145 16.63 22.25 18.52
C ALA A 145 15.20 21.79 18.24
N ILE A 146 14.24 22.62 18.63
CA ILE A 146 12.85 22.47 18.20
C ILE A 146 12.33 23.83 17.76
N CYS A 147 11.23 23.80 17.01
CA CYS A 147 10.49 25.00 16.68
C CYS A 147 9.14 24.93 17.36
N ASP A 148 8.82 25.92 18.20
CA ASP A 148 7.51 25.99 18.84
C ASP A 148 6.57 26.96 18.15
N ARG A 149 6.84 27.27 16.87
CA ARG A 149 5.90 28.10 16.11
C ARG A 149 5.81 27.60 14.68
N TRP A 150 5.73 26.27 14.50
CA TRP A 150 5.68 25.64 13.19
C TRP A 150 4.29 25.05 12.96
N PHE A 151 3.57 25.58 11.99
CA PHE A 151 2.18 25.24 11.75
C PHE A 151 2.06 24.25 10.61
N ALA A 152 1.16 23.27 10.73
CA ALA A 152 0.81 22.47 9.57
C ALA A 152 0.36 23.40 8.45
N SER A 153 0.69 23.05 7.20
CA SER A 153 0.39 23.96 6.09
C SER A 153 -1.11 24.15 5.89
N VAL A 154 -1.92 23.14 6.19
CA VAL A 154 -3.34 23.19 5.87
C VAL A 154 -4.13 22.82 7.12
N PRO A 155 -5.19 23.57 7.46
CA PRO A 155 -6.14 23.08 8.48
C PRO A 155 -7.03 22.00 7.88
N ALA A 156 -6.39 20.92 7.45
CA ALA A 156 -7.08 19.81 6.85
C ALA A 156 -6.29 18.55 7.18
N SER A 157 -6.68 17.44 6.56
CA SER A 157 -6.18 16.14 6.94
C SER A 157 -4.76 15.89 6.42
N THR A 158 -4.40 14.61 6.49
CA THR A 158 -3.04 14.09 6.26
C THR A 158 -2.46 14.43 4.89
N GLN A 159 -3.16 14.11 3.82
CA GLN A 159 -2.53 14.18 2.49
C GLN A 159 -2.34 15.60 1.96
N PRO A 160 -3.29 16.51 2.14
CA PRO A 160 -3.01 17.89 1.71
C PRO A 160 -1.74 18.42 2.39
N ASN A 161 -1.56 18.12 3.67
CA ASN A 161 -0.35 18.54 4.39
C ASN A 161 0.89 17.84 3.87
N ARG A 162 0.80 16.53 3.63
CA ARG A 162 1.96 15.82 3.10
C ARG A 162 2.34 16.35 1.73
N LEU A 163 1.35 16.71 0.91
CA LEU A 163 1.68 17.31 -0.37
C LEU A 163 2.52 18.59 -0.22
N TYR A 164 2.21 19.42 0.80
CA TYR A 164 3.01 20.63 1.01
C TYR A 164 4.46 20.32 1.35
N VAL A 165 4.70 19.23 2.09
CA VAL A 165 6.04 18.96 2.61
C VAL A 165 7.08 18.96 1.50
N HIS A 166 6.76 18.37 0.34
CA HIS A 166 7.76 18.29 -0.73
C HIS A 166 7.36 19.08 -1.97
N SER A 167 6.26 19.85 -1.91
CA SER A 167 5.93 20.69 -3.06
C SER A 167 5.44 22.08 -2.72
N ALA A 168 5.22 22.41 -1.43
CA ALA A 168 4.73 23.72 -1.02
C ALA A 168 3.38 24.06 -1.66
N THR A 169 2.57 23.05 -1.95
CA THR A 169 1.18 23.26 -2.33
C THR A 169 0.46 21.93 -2.18
N SER A 170 -0.87 22.00 -2.06
CA SER A 170 -1.67 20.80 -2.17
C SER A 170 -2.46 20.80 -3.47
N HIS A 171 -2.20 21.77 -4.36
CA HIS A 171 -2.83 21.81 -5.67
C HIS A 171 -4.33 21.70 -5.54
N GLY A 172 -4.88 22.46 -4.57
CA GLY A 172 -6.29 22.51 -4.33
C GLY A 172 -6.87 21.49 -3.36
N ALA A 173 -6.13 20.46 -2.96
CA ALA A 173 -6.71 19.38 -2.16
C ALA A 173 -6.88 19.79 -0.70
N THR A 174 -8.06 19.49 -0.14
CA THR A 174 -8.30 19.62 1.31
C THR A 174 -8.85 18.34 1.91
N SER A 175 -8.84 17.22 1.17
CA SER A 175 -9.29 15.94 1.68
C SER A 175 -8.28 14.89 1.24
N ASN A 176 -8.50 13.66 1.70
CA ASN A 176 -7.74 12.50 1.24
C ASN A 176 -8.55 11.78 0.16
N ASP A 177 -8.63 12.40 -1.01
CA ASP A 177 -9.45 11.89 -2.11
C ASP A 177 -8.71 10.75 -2.80
N ALA A 178 -9.16 9.52 -2.58
CA ALA A 178 -8.47 8.34 -3.12
C ALA A 178 -8.30 8.44 -4.64
N ALA A 179 -9.35 8.84 -5.37
CA ALA A 179 -9.23 8.96 -6.83
C ALA A 179 -8.19 10.00 -7.23
N LEU A 180 -8.21 11.16 -6.57
CA LEU A 180 -7.24 12.21 -6.88
C LEU A 180 -5.84 11.79 -6.51
N LEU A 181 -5.66 11.14 -5.36
CA LEU A 181 -4.31 10.75 -4.95
C LEU A 181 -3.75 9.70 -5.92
N LEU A 182 -4.55 8.69 -6.27
CA LEU A 182 -4.08 7.66 -7.19
C LEU A 182 -3.80 8.23 -8.57
N GLU A 183 -4.69 9.10 -9.08
CA GLU A 183 -4.42 9.81 -10.31
C GLU A 183 -3.13 10.59 -10.22
N GLY A 184 -2.81 11.10 -9.03
CA GLY A 184 -1.52 11.74 -8.81
C GLY A 184 -1.60 13.24 -8.92
N PHE A 185 -0.83 13.93 -8.11
CA PHE A 185 -0.89 15.37 -8.19
C PHE A 185 0.28 15.88 -9.01
N PRO A 186 0.04 16.78 -9.96
CA PRO A 186 1.04 17.09 -11.00
C PRO A 186 1.97 18.26 -10.71
N GLN A 187 1.93 18.90 -9.55
CA GLN A 187 2.77 20.08 -9.32
C GLN A 187 4.26 19.72 -9.24
N LYS A 188 5.09 20.71 -9.52
CA LYS A 188 6.53 20.50 -9.38
C LYS A 188 6.91 20.26 -7.93
N THR A 189 7.84 19.33 -7.73
CA THR A 189 8.31 18.92 -6.42
C THR A 189 9.72 19.41 -6.17
N ILE A 190 10.11 19.41 -4.89
CA ILE A 190 11.47 19.78 -4.55
C ILE A 190 12.46 18.79 -5.15
N PHE A 191 12.04 17.53 -5.30
CA PHE A 191 12.88 16.53 -5.95
C PHE A 191 13.27 16.96 -7.36
N GLU A 192 12.31 17.53 -8.10
CA GLU A 192 12.61 18.00 -9.45
C GLU A 192 13.54 19.21 -9.43
N SER A 193 13.31 20.16 -8.51
CA SER A 193 14.21 21.29 -8.35
C SER A 193 15.63 20.81 -8.10
N LEU A 194 15.78 19.83 -7.20
CA LEU A 194 17.09 19.32 -6.87
C LEU A 194 17.72 18.62 -8.07
N ASP A 195 16.96 17.71 -8.69
CA ASP A 195 17.48 16.94 -9.81
C ASP A 195 17.94 17.86 -10.94
N GLU A 196 17.10 18.83 -11.30
CA GLU A 196 17.44 19.76 -12.36
C GLU A 196 18.73 20.51 -12.08
N ALA A 197 19.04 20.76 -10.82
CA ALA A 197 20.26 21.45 -10.43
C ALA A 197 21.42 20.49 -10.19
N GLY A 198 21.24 19.20 -10.47
CA GLY A 198 22.32 18.27 -10.33
C GLY A 198 22.51 17.65 -8.96
N PHE A 199 21.59 17.90 -8.01
CA PHE A 199 21.65 17.30 -6.69
C PHE A 199 20.93 15.96 -6.68
N SER A 200 21.30 15.11 -5.74
CA SER A 200 20.68 13.80 -5.60
C SER A 200 19.54 13.83 -4.58
N PHE A 201 18.67 12.82 -4.66
CA PHE A 201 17.62 12.63 -3.67
C PHE A 201 17.25 11.16 -3.60
N GLY A 202 16.81 10.72 -2.42
CA GLY A 202 16.34 9.36 -2.20
C GLY A 202 15.18 9.25 -1.25
N ILE A 203 14.17 8.45 -1.61
CA ILE A 203 12.99 8.22 -0.78
C ILE A 203 13.07 6.79 -0.28
N TYR A 204 13.23 6.62 1.03
CA TYR A 204 13.38 5.31 1.64
C TYR A 204 12.06 4.90 2.25
N TYR A 205 11.38 3.94 1.64
CA TYR A 205 10.02 3.61 2.00
C TYR A 205 9.90 2.22 2.61
N GLN A 206 8.94 2.06 3.52
CA GLN A 206 8.63 0.73 4.03
C GLN A 206 7.43 0.17 3.27
N PHE A 207 6.27 0.76 3.49
CA PHE A 207 5.02 0.42 2.82
C PHE A 207 4.86 1.36 1.62
N PRO A 208 3.77 1.30 0.85
CA PRO A 208 3.63 2.24 -0.28
C PRO A 208 3.69 3.67 0.19
N PRO A 209 4.61 4.47 -0.32
CA PRO A 209 4.80 5.81 0.23
C PRO A 209 3.81 6.82 -0.33
N SER A 210 3.48 7.78 0.52
CA SER A 210 2.59 8.87 0.09
C SER A 210 3.23 9.71 -0.99
N THR A 211 4.57 9.70 -1.09
CA THR A 211 5.22 10.46 -2.16
C THR A 211 4.87 9.93 -3.54
N LEU A 212 4.33 8.72 -3.64
CA LEU A 212 3.86 8.23 -4.94
C LEU A 212 2.64 9.02 -5.44
N PHE A 213 1.98 9.76 -4.56
CA PHE A 213 0.87 10.63 -4.98
C PHE A 213 1.32 11.84 -5.80
N TYR A 214 2.62 12.13 -5.85
CA TYR A 214 3.14 13.11 -6.80
C TYR A 214 3.26 12.46 -8.17
N ARG A 215 2.47 12.92 -9.15
CA ARG A 215 2.47 12.26 -10.45
C ARG A 215 3.85 12.32 -11.12
N ASN A 216 4.57 13.44 -10.97
CA ASN A 216 5.85 13.56 -11.67
C ASN A 216 6.86 12.53 -11.20
N LEU A 217 6.74 12.03 -9.97
CA LEU A 217 7.73 11.04 -9.51
C LEU A 217 7.51 9.66 -10.13
N ARG A 218 6.45 9.51 -10.92
CA ARG A 218 6.14 8.28 -11.63
C ARG A 218 6.85 8.21 -12.98
N LYS A 219 7.59 9.24 -13.38
CA LYS A 219 8.45 9.13 -14.56
C LYS A 219 9.51 8.07 -14.32
N LEU A 220 9.96 7.44 -15.40
CA LEU A 220 10.92 6.34 -15.29
C LEU A 220 12.19 6.79 -14.55
N LYS A 221 12.71 7.96 -14.89
CA LYS A 221 13.95 8.42 -14.28
C LYS A 221 13.80 8.75 -12.79
N TYR A 222 12.58 8.97 -12.29
CA TYR A 222 12.43 9.25 -10.87
C TYR A 222 12.03 8.03 -10.05
N LEU A 223 11.38 7.04 -10.67
CA LEU A 223 10.99 5.86 -9.92
C LEU A 223 12.21 5.13 -9.35
N THR A 224 13.38 5.28 -9.98
CA THR A 224 14.60 4.64 -9.50
C THR A 224 15.15 5.26 -8.21
N HIS A 225 14.68 6.43 -7.83
CA HIS A 225 15.14 7.07 -6.60
C HIS A 225 14.41 6.58 -5.35
N PHE A 226 13.40 5.71 -5.51
CA PHE A 226 12.75 5.07 -4.38
C PHE A 226 13.53 3.82 -3.98
N HIS A 227 13.75 3.64 -2.69
CA HIS A 227 14.52 2.51 -2.17
C HIS A 227 13.78 1.93 -0.99
N GLN A 228 13.65 0.60 -0.96
CA GLN A 228 13.14 -0.09 0.22
C GLN A 228 13.99 0.28 1.42
N TYR A 229 13.32 0.71 2.51
CA TYR A 229 14.03 1.19 3.69
C TYR A 229 14.87 0.08 4.32
N GLY A 230 14.28 -1.09 4.55
CA GLY A 230 15.00 -2.16 5.21
C GLY A 230 16.25 -2.60 4.47
N ILE A 231 16.21 -2.56 3.14
CA ILE A 231 17.36 -2.95 2.33
C ILE A 231 18.42 -1.86 2.31
N GLN A 232 18.00 -0.62 2.08
CA GLN A 232 18.92 0.41 1.61
C GLN A 232 19.29 1.47 2.64
N PHE A 233 18.44 1.76 3.64
CA PHE A 233 18.65 2.98 4.41
C PHE A 233 19.85 2.87 5.35
N LYS A 234 19.86 1.89 6.24
CA LYS A 234 20.99 1.74 7.16
C LYS A 234 22.29 1.50 6.39
N LYS A 235 22.20 0.82 5.24
CA LYS A 235 23.38 0.56 4.42
C LYS A 235 23.96 1.85 3.88
N ASP A 236 23.12 2.68 3.25
CA ASP A 236 23.61 3.96 2.72
C ASP A 236 24.12 4.87 3.84
N CYS A 237 23.51 4.80 5.03
CA CYS A 237 24.02 5.57 6.15
C CYS A 237 25.40 5.11 6.56
N LYS A 238 25.60 3.79 6.64
CA LYS A 238 26.88 3.23 7.05
C LYS A 238 28.00 3.62 6.08
N GLU A 239 27.79 3.43 4.78
CA GLU A 239 28.88 3.69 3.85
C GLU A 239 28.90 5.13 3.33
N GLY A 240 28.21 6.05 4.00
CA GLY A 240 28.27 7.45 3.62
C GLY A 240 27.74 7.75 2.24
N LYS A 241 26.74 7.02 1.77
CA LYS A 241 26.21 7.20 0.42
C LYS A 241 24.81 7.82 0.42
N LEU A 242 24.45 8.56 1.47
CA LEU A 242 23.14 9.20 1.49
C LEU A 242 23.10 10.30 0.44
N PRO A 243 22.04 10.39 -0.34
CA PRO A 243 21.90 11.50 -1.30
C PRO A 243 21.69 12.85 -0.62
N ASN A 244 21.55 13.93 -1.39
CA ASN A 244 21.50 15.28 -0.84
C ASN A 244 20.19 15.53 -0.09
N TYR A 245 19.10 14.86 -0.46
CA TYR A 245 17.79 15.01 0.18
C TYR A 245 17.23 13.61 0.43
N VAL A 246 17.11 13.25 1.70
CA VAL A 246 16.65 11.94 2.14
C VAL A 246 15.28 12.10 2.77
N VAL A 247 14.30 11.34 2.27
CA VAL A 247 12.97 11.22 2.86
C VAL A 247 12.81 9.81 3.39
N VAL A 248 12.49 9.69 4.67
CA VAL A 248 12.15 8.41 5.29
C VAL A 248 10.63 8.31 5.34
N GLU A 249 10.07 7.31 4.65
CA GLU A 249 8.64 7.05 4.59
C GLU A 249 8.36 5.74 5.29
N GLN A 250 7.47 5.75 6.28
CA GLN A 250 7.30 4.58 7.13
C GLN A 250 5.93 3.91 7.03
N ARG A 251 4.85 4.66 7.00
CA ARG A 251 3.52 4.08 7.05
C ARG A 251 2.84 4.15 5.70
N TRP A 252 1.95 3.20 5.44
CA TRP A 252 1.08 3.28 4.29
C TRP A 252 -0.20 3.98 4.71
N PHE A 253 -0.63 4.96 3.92
CA PHE A 253 -1.85 5.66 4.23
C PHE A 253 -3.03 4.85 3.71
N ASP A 254 -3.96 4.48 4.59
CA ASP A 254 -5.11 3.70 4.13
C ASP A 254 -6.06 4.57 3.30
N LEU A 255 -5.86 4.53 1.98
CA LEU A 255 -6.70 5.27 1.04
C LEU A 255 -8.18 4.90 1.16
N LEU A 256 -8.48 3.71 1.67
CA LEU A 256 -9.85 3.21 1.74
C LEU A 256 -10.55 3.51 3.05
N SER A 257 -9.88 4.16 4.01
CA SER A 257 -10.46 4.41 5.33
C SER A 257 -11.47 5.54 5.21
N THR A 258 -12.69 5.17 4.85
CA THR A 258 -13.77 6.13 4.59
C THR A 258 -14.52 6.49 5.86
N HIS A 264 -12.74 5.79 14.72
CA HIS A 264 -11.55 6.35 15.35
C HIS A 264 -10.73 5.27 16.08
N PRO A 265 -10.05 4.41 15.32
CA PRO A 265 -9.32 3.30 15.93
C PRO A 265 -8.14 3.78 16.77
N SER A 266 -7.76 2.96 17.75
CA SER A 266 -6.68 3.27 18.67
C SER A 266 -5.34 2.84 18.08
N HIS A 267 -4.28 3.57 18.46
CA HIS A 267 -2.93 3.15 18.09
C HIS A 267 -1.91 3.77 19.06
N ASP A 268 -0.65 3.34 18.90
CA ASP A 268 0.39 3.50 19.91
C ASP A 268 1.45 4.50 19.45
N VAL A 269 1.79 5.45 20.33
CA VAL A 269 2.86 6.39 20.04
C VAL A 269 4.23 5.70 20.00
N SER A 270 4.32 4.48 20.54
CA SER A 270 5.61 3.84 20.75
C SER A 270 6.30 3.52 19.43
N GLU A 271 5.53 3.08 18.44
CA GLU A 271 6.10 2.77 17.12
C GLU A 271 6.84 3.95 16.52
N GLY A 272 6.26 5.15 16.63
CA GLY A 272 6.93 6.33 16.10
C GLY A 272 8.19 6.68 16.86
N GLN A 273 8.19 6.50 18.18
CA GLN A 273 9.39 6.75 18.97
C GLN A 273 10.50 5.79 18.58
N LYS A 274 10.17 4.51 18.39
CA LYS A 274 11.15 3.52 17.95
C LYS A 274 11.74 3.90 16.59
N LEU A 275 10.90 4.38 15.67
CA LEU A 275 11.39 4.78 14.35
C LEU A 275 12.33 5.98 14.45
N VAL A 276 11.98 6.97 15.26
CA VAL A 276 12.84 8.13 15.40
C VAL A 276 14.20 7.71 15.95
N LYS A 277 14.18 6.87 17.00
CA LYS A 277 15.44 6.42 17.59
C LYS A 277 16.30 5.73 16.54
N GLU A 278 15.71 4.81 15.78
CA GLU A 278 16.44 4.07 14.76
C GLU A 278 17.03 4.99 13.70
N VAL A 279 16.22 5.93 13.21
CA VAL A 279 16.71 6.83 12.16
C VAL A 279 17.81 7.73 12.70
N TYR A 280 17.64 8.21 13.94
CA TYR A 280 18.64 9.10 14.50
C TYR A 280 19.97 8.39 14.65
N GLU A 281 19.96 7.20 15.25
CA GLU A 281 21.18 6.46 15.51
C GLU A 281 21.89 6.10 14.21
N ALA A 282 21.13 5.78 13.15
CA ALA A 282 21.76 5.49 11.87
C ALA A 282 22.41 6.74 11.28
N LEU A 283 21.77 7.90 11.39
CA LEU A 283 22.44 9.12 10.94
C LEU A 283 23.61 9.48 11.85
N ARG A 284 23.50 9.17 13.14
CA ARG A 284 24.50 9.63 14.11
C ARG A 284 25.81 8.87 13.96
N SER A 285 25.75 7.58 13.63
CA SER A 285 26.94 6.79 13.37
C SER A 285 27.40 6.87 11.91
N SER A 286 26.77 7.74 11.08
CA SER A 286 27.17 7.79 9.68
C SER A 286 28.39 8.69 9.48
N PRO A 287 29.26 8.34 8.55
CA PRO A 287 30.35 9.28 8.18
C PRO A 287 29.84 10.61 7.68
N GLN A 288 28.57 10.68 7.27
CA GLN A 288 27.96 11.93 6.84
C GLN A 288 27.35 12.73 7.98
N TRP A 289 27.45 12.25 9.22
CA TRP A 289 26.84 12.93 10.36
C TRP A 289 27.20 14.41 10.40
N ASN A 290 28.45 14.74 10.06
CA ASN A 290 28.92 16.12 10.14
C ASN A 290 28.44 16.98 8.99
N GLU A 291 27.73 16.42 8.00
CA GLU A 291 27.12 17.21 6.94
C GLU A 291 25.60 17.12 6.94
N ILE A 292 25.00 16.57 7.99
CA ILE A 292 23.59 16.20 7.99
C ILE A 292 22.79 17.24 8.76
N LEU A 293 21.63 17.62 8.21
CA LEU A 293 20.59 18.35 8.93
C LEU A 293 19.30 17.51 8.87
N PHE A 294 18.84 17.06 10.03
CA PHE A 294 17.74 16.10 10.17
C PHE A 294 16.52 16.85 10.72
N ILE A 295 15.41 16.86 9.96
CA ILE A 295 14.17 17.51 10.35
C ILE A 295 13.12 16.45 10.62
N ILE A 296 12.49 16.52 11.79
CA ILE A 296 11.31 15.74 12.13
C ILE A 296 10.14 16.71 12.31
N THR A 297 9.01 16.43 11.67
CA THR A 297 7.79 17.20 11.88
C THR A 297 6.60 16.24 11.78
N TYR A 298 5.39 16.77 11.92
CA TYR A 298 4.15 16.00 11.85
C TYR A 298 3.28 16.53 10.71
N ASP A 299 2.61 15.63 9.97
CA ASP A 299 1.81 16.10 8.84
C ASP A 299 0.76 17.11 9.30
N GLU A 300 -0.01 16.76 10.33
CA GLU A 300 -0.84 17.75 11.02
C GLU A 300 -1.08 17.26 12.44
N HIS A 301 -1.95 17.97 13.14
CA HIS A 301 -2.05 17.85 14.58
C HIS A 301 -2.97 16.71 15.02
N GLY A 302 -3.67 16.05 14.11
CA GLY A 302 -4.50 14.90 14.45
C GLY A 302 -5.78 15.22 15.21
N GLY A 303 -6.10 16.50 15.43
CA GLY A 303 -7.25 16.87 16.26
C GLY A 303 -6.94 17.05 17.73
N PHE A 304 -5.69 16.84 18.13
CA PHE A 304 -5.28 17.09 19.51
C PHE A 304 -5.15 18.58 19.78
N TYR A 305 -5.33 18.94 21.05
CA TYR A 305 -5.38 20.33 21.46
C TYR A 305 -4.06 21.05 21.22
N ASP A 306 -4.15 22.33 20.86
CA ASP A 306 -3.03 23.28 20.92
C ASP A 306 -3.56 24.68 21.20
N HIS A 307 -2.78 25.49 21.93
CA HIS A 307 -3.29 26.79 22.36
C HIS A 307 -2.99 27.93 21.40
N VAL A 308 -2.07 27.78 20.45
CA VAL A 308 -1.62 28.90 19.61
C VAL A 308 -2.58 29.16 18.45
N PRO A 309 -3.21 30.33 18.36
CA PRO A 309 -4.12 30.59 17.24
C PRO A 309 -3.45 30.36 15.87
N THR A 310 -4.14 29.63 15.01
CA THR A 310 -3.67 29.43 13.64
C THR A 310 -3.63 30.78 12.93
N PRO A 311 -2.53 31.14 12.28
CA PRO A 311 -2.48 32.40 11.54
C PRO A 311 -3.55 32.50 10.45
N VAL A 312 -4.25 33.63 10.43
CA VAL A 312 -5.28 33.93 9.44
C VAL A 312 -4.97 35.18 8.62
N ASP A 313 -3.88 35.89 8.91
CA ASP A 313 -3.50 37.15 8.27
C ASP A 313 -2.25 36.96 7.43
N GLY A 314 -2.29 37.40 6.17
CA GLY A 314 -1.09 37.39 5.35
C GLY A 314 -0.63 36.02 4.93
N VAL A 315 -1.52 35.03 4.90
CA VAL A 315 -1.17 33.67 4.49
C VAL A 315 -1.57 33.53 3.02
N PRO A 316 -0.62 33.32 2.10
CA PRO A 316 -0.97 33.28 0.68
C PRO A 316 -1.41 31.91 0.19
N ASN A 317 -2.35 31.93 -0.76
CA ASN A 317 -2.65 30.74 -1.52
C ASN A 317 -1.45 30.41 -2.41
N PRO A 318 -0.94 29.17 -2.39
CA PRO A 318 0.32 28.89 -3.11
C PRO A 318 0.22 29.05 -4.61
N ASP A 319 -0.94 28.77 -5.20
CA ASP A 319 -0.99 28.66 -6.65
C ASP A 319 -2.32 29.15 -7.22
N GLY A 320 -3.17 29.80 -6.42
CA GLY A 320 -4.45 30.26 -6.91
C GLY A 320 -5.53 29.21 -7.01
N ILE A 321 -5.25 27.97 -6.62
CA ILE A 321 -6.26 26.91 -6.71
C ILE A 321 -7.02 26.82 -5.38
N LEU A 322 -8.35 26.89 -5.47
CA LEU A 322 -9.24 26.73 -4.33
C LEU A 322 -9.54 25.24 -4.08
N GLY A 323 -9.92 24.94 -2.85
CA GLY A 323 -10.33 23.61 -2.49
C GLY A 323 -11.71 23.27 -3.02
N PRO A 324 -12.10 22.01 -2.88
CA PRO A 324 -13.41 21.55 -3.38
C PRO A 324 -14.55 22.06 -2.53
N PRO A 325 -15.79 22.01 -3.04
CA PRO A 325 -16.95 22.35 -2.23
C PRO A 325 -17.17 21.32 -1.14
N PRO A 326 -17.92 21.66 -0.09
CA PRO A 326 -18.57 22.95 0.13
C PRO A 326 -17.61 24.00 0.68
N TYR A 327 -16.41 23.61 1.09
CA TYR A 327 -15.55 24.56 1.80
C TYR A 327 -14.94 25.59 0.86
N ASN A 328 -14.68 25.20 -0.38
CA ASN A 328 -14.03 26.07 -1.36
C ASN A 328 -12.83 26.78 -0.74
N PHE A 329 -12.01 26.00 -0.02
CA PHE A 329 -10.99 26.57 0.85
C PHE A 329 -10.03 27.47 0.09
N GLU A 330 -9.74 28.64 0.66
CA GLU A 330 -8.90 29.64 0.01
C GLU A 330 -7.42 29.48 0.35
N PHE A 331 -7.05 28.52 1.19
CA PHE A 331 -5.67 28.37 1.65
C PHE A 331 -5.11 29.71 2.16
N ASN A 332 -5.93 30.41 2.94
CA ASN A 332 -5.62 31.71 3.51
C ASN A 332 -5.49 31.67 5.04
N ARG A 333 -5.37 30.45 5.60
CA ARG A 333 -5.32 30.14 7.03
C ARG A 333 -4.37 28.96 7.13
N LEU A 334 -3.49 28.95 8.13
CA LEU A 334 -2.62 27.80 8.33
C LEU A 334 -3.31 26.74 9.18
N GLY A 335 -2.71 25.56 9.21
CA GLY A 335 -3.11 24.54 10.15
C GLY A 335 -2.55 24.77 11.55
N VAL A 336 -2.79 23.80 12.41
CA VAL A 336 -2.43 23.85 13.82
C VAL A 336 -0.94 23.57 13.99
N ARG A 337 -0.36 24.11 15.06
CA ARG A 337 1.04 23.89 15.41
C ARG A 337 1.34 22.42 15.63
N VAL A 338 2.47 21.97 15.08
CA VAL A 338 2.92 20.60 15.24
C VAL A 338 4.31 20.62 15.87
N PRO A 339 4.73 19.51 16.46
CA PRO A 339 6.13 19.40 16.91
C PRO A 339 7.05 19.32 15.70
N THR A 340 8.12 20.12 15.73
CA THR A 340 9.17 20.07 14.71
C THR A 340 10.53 20.10 15.40
N PHE A 341 11.42 19.19 15.00
CA PHE A 341 12.77 19.05 15.55
C PHE A 341 13.79 19.34 14.46
N PHE A 342 14.88 20.04 14.83
CA PHE A 342 16.06 20.22 13.99
C PHE A 342 17.26 19.58 14.68
N ILE A 343 17.91 18.63 14.00
CA ILE A 343 18.93 17.78 14.62
C ILE A 343 20.17 17.78 13.73
N SER A 344 21.31 18.15 14.30
CA SER A 344 22.56 18.30 13.57
C SER A 344 23.65 18.60 14.57
N PRO A 345 24.86 18.05 14.40
CA PRO A 345 25.96 18.41 15.32
C PRO A 345 26.34 19.87 15.24
N TRP A 346 25.83 20.60 14.25
CA TRP A 346 26.10 22.02 14.10
C TRP A 346 25.12 22.90 14.87
N ILE A 347 24.23 22.31 15.67
CA ILE A 347 23.18 23.02 16.41
C ILE A 347 23.51 23.01 17.88
N GLU A 348 23.31 24.14 18.56
CA GLU A 348 23.52 24.17 20.01
C GLU A 348 22.40 23.40 20.71
N PRO A 349 22.72 22.66 21.77
CA PRO A 349 21.69 21.85 22.45
C PRO A 349 20.70 22.72 23.20
N GLY A 350 19.45 22.25 23.25
CA GLY A 350 18.42 22.99 23.98
C GLY A 350 17.99 24.28 23.33
N THR A 351 18.11 24.38 22.00
CA THR A 351 17.73 25.56 21.24
C THR A 351 16.23 25.52 20.92
N VAL A 352 15.57 26.67 21.01
CA VAL A 352 14.15 26.78 20.68
C VAL A 352 13.97 27.92 19.69
N ILE A 353 13.48 27.60 18.50
CA ILE A 353 13.16 28.56 17.45
C ILE A 353 11.68 28.93 17.54
N HIS A 354 11.37 30.22 17.44
CA HIS A 354 9.99 30.70 17.48
C HIS A 354 9.53 31.03 16.05
N GLY A 355 8.89 32.17 15.80
CA GLY A 355 8.52 32.58 14.46
C GLY A 355 9.77 32.92 13.69
N PRO A 356 9.66 33.03 12.37
CA PRO A 356 10.85 33.30 11.58
C PRO A 356 11.20 34.78 11.58
N ASN A 357 12.43 35.04 11.19
CA ASN A 357 12.77 36.35 10.68
C ASN A 357 12.60 36.21 9.17
N GLY A 358 11.38 35.70 8.86
CA GLY A 358 11.01 35.13 7.58
C GLY A 358 11.03 36.29 6.65
N PRO A 359 10.89 36.06 5.35
CA PRO A 359 11.20 37.14 4.41
C PRO A 359 10.23 38.28 4.52
N TYR A 360 9.01 38.05 5.01
CA TYR A 360 8.00 39.07 5.13
C TYR A 360 7.54 39.22 6.59
N PRO A 361 6.95 40.37 6.95
CA PRO A 361 6.50 40.53 8.35
C PRO A 361 5.53 39.44 8.80
N ARG A 362 4.66 38.94 7.93
CA ARG A 362 3.71 37.91 8.33
C ARG A 362 4.16 36.50 7.94
N SER A 363 5.43 36.32 7.60
CA SER A 363 5.93 35.00 7.28
C SER A 363 5.76 34.07 8.48
N GLN A 364 5.62 32.77 8.21
CA GLN A 364 5.50 31.78 9.26
C GLN A 364 6.32 30.55 8.91
N TYR A 365 6.75 29.83 9.94
CA TYR A 365 7.27 28.49 9.73
C TYR A 365 6.09 27.55 9.52
N GLU A 366 6.21 26.68 8.52
CA GLU A 366 5.21 25.68 8.17
C GLU A 366 5.91 24.65 7.32
N HIS A 367 5.16 23.66 6.83
CA HIS A 367 5.81 22.62 6.03
C HIS A 367 6.50 23.18 4.79
N SER A 368 5.93 24.21 4.15
CA SER A 368 6.61 24.82 3.01
C SER A 368 7.98 25.38 3.39
N SER A 369 8.23 25.60 4.69
CA SER A 369 9.58 25.97 5.13
C SER A 369 10.63 24.93 4.74
N ILE A 370 10.25 23.66 4.63
CA ILE A 370 11.23 22.63 4.25
C ILE A 370 11.70 22.82 2.80
N PRO A 371 10.83 22.83 1.78
CA PRO A 371 11.30 23.16 0.42
C PRO A 371 11.98 24.52 0.37
N ALA A 372 11.44 25.52 1.07
CA ALA A 372 12.08 26.84 1.09
C ALA A 372 13.52 26.75 1.57
N THR A 373 13.75 26.07 2.69
CA THR A 373 15.09 25.95 3.26
C THR A 373 16.02 25.08 2.40
N VAL A 374 15.47 24.03 1.77
CA VAL A 374 16.27 23.24 0.83
C VAL A 374 16.73 24.12 -0.32
N LYS A 375 15.79 24.85 -0.93
CA LYS A 375 16.11 25.83 -1.96
C LYS A 375 17.18 26.81 -1.50
N THR A 376 17.15 27.22 -0.23
CA THR A 376 18.09 28.22 0.25
C THR A 376 19.48 27.62 0.44
N ILE A 377 19.53 26.43 1.02
CA ILE A 377 20.80 25.82 1.39
C ILE A 377 21.54 25.34 0.14
N PHE A 378 20.80 24.82 -0.84
CA PHE A 378 21.40 24.32 -2.07
C PHE A 378 21.38 25.35 -3.19
N LYS A 379 20.95 26.58 -2.88
CA LYS A 379 20.95 27.69 -3.84
C LYS A 379 20.24 27.32 -5.14
N LEU A 380 19.16 26.56 -5.02
CA LEU A 380 18.32 26.32 -6.19
C LEU A 380 17.77 27.64 -6.69
N LYS A 381 17.43 27.69 -7.98
CA LYS A 381 17.13 28.98 -8.61
C LYS A 381 15.79 29.55 -8.14
N ASP A 382 14.74 28.72 -8.11
CA ASP A 382 13.40 29.21 -7.91
C ASP A 382 12.69 28.47 -6.78
N PHE A 383 11.81 29.20 -6.11
CA PHE A 383 10.83 28.62 -5.22
C PHE A 383 9.76 27.90 -6.04
N LEU A 384 9.04 26.99 -5.38
CA LEU A 384 8.02 26.21 -6.09
C LEU A 384 6.69 26.93 -6.22
N SER A 385 6.32 27.73 -5.23
CA SER A 385 5.01 28.37 -5.19
C SER A 385 5.10 29.67 -4.40
N LYS A 386 3.95 30.30 -4.21
CA LYS A 386 3.91 31.51 -3.37
C LYS A 386 4.05 31.18 -1.89
N ARG A 387 3.80 29.92 -1.50
CA ARG A 387 3.95 29.51 -0.10
C ARG A 387 5.40 29.30 0.33
N ASP A 388 6.17 28.46 -0.38
CA ASP A 388 7.60 28.37 -0.02
C ASP A 388 8.31 29.72 -0.21
N SER A 389 7.89 30.51 -1.21
CA SER A 389 8.45 31.85 -1.38
C SER A 389 8.21 32.72 -0.14
N TRP A 390 7.13 32.45 0.60
CA TRP A 390 6.79 33.29 1.75
C TRP A 390 7.20 32.69 3.09
N ALA A 391 7.32 31.36 3.17
CA ALA A 391 7.55 30.68 4.45
C ALA A 391 8.92 31.04 5.03
N GLY A 392 9.01 30.99 6.36
CA GLY A 392 10.31 31.18 7.00
C GLY A 392 11.29 30.08 6.62
N THR A 393 12.58 30.42 6.60
CA THR A 393 13.64 29.44 6.37
C THR A 393 14.45 29.29 7.64
N PHE A 394 14.93 28.09 7.90
CA PHE A 394 15.57 27.82 9.20
C PHE A 394 17.03 27.44 9.06
N GLU A 395 17.68 27.82 7.95
CA GLU A 395 19.10 27.52 7.81
C GLU A 395 19.94 28.16 8.92
N SER A 396 19.44 29.23 9.55
CA SER A 396 20.20 29.90 10.61
C SER A 396 20.28 29.10 11.89
N VAL A 397 19.58 27.96 11.98
CA VAL A 397 19.71 27.08 13.14
C VAL A 397 21.11 26.45 13.20
N ILE A 398 21.81 26.43 12.06
CA ILE A 398 23.18 25.95 11.96
C ILE A 398 24.07 27.11 12.39
N THR A 399 24.62 27.05 13.61
CA THR A 399 25.33 28.18 14.21
C THR A 399 26.77 27.91 14.63
N ARG A 400 27.19 26.65 14.75
CA ARG A 400 28.49 26.37 15.34
C ARG A 400 29.59 26.57 14.31
N ASP A 401 30.82 26.81 14.82
CA ASP A 401 32.00 26.89 13.95
C ASP A 401 32.57 25.51 13.65
N SER A 402 32.42 24.59 14.59
CA SER A 402 32.85 23.21 14.44
C SER A 402 31.71 22.30 14.92
N PRO A 403 31.60 21.10 14.35
CA PRO A 403 30.53 20.20 14.77
C PRO A 403 30.76 19.70 16.19
N ARG A 404 29.66 19.62 16.96
CA ARG A 404 29.75 19.03 18.28
C ARG A 404 30.20 17.58 18.16
N GLN A 405 31.01 17.11 19.11
CA GLN A 405 31.64 15.81 19.01
C GLN A 405 31.08 14.79 19.97
N ASP A 406 30.31 15.21 20.98
CA ASP A 406 29.74 14.31 21.96
C ASP A 406 28.21 14.28 21.89
N CYS A 407 27.65 14.42 20.70
CA CYS A 407 26.21 14.20 20.57
C CYS A 407 25.89 12.77 20.97
N PRO A 408 24.77 12.55 21.64
CA PRO A 408 24.43 11.18 22.08
C PRO A 408 24.54 10.18 20.96
N GLU A 409 25.23 9.07 21.24
CA GLU A 409 25.39 8.04 20.22
C GLU A 409 24.14 7.18 20.11
N THR A 410 23.50 6.91 21.24
CA THR A 410 22.23 6.19 21.25
C THR A 410 21.23 6.91 22.13
N LEU A 411 19.95 6.66 21.87
CA LEU A 411 18.90 7.25 22.66
C LEU A 411 18.26 6.17 23.52
N SER A 412 17.52 6.60 24.54
CA SER A 412 16.84 5.66 25.41
C SER A 412 15.80 4.87 24.63
N THR A 413 15.56 3.64 25.06
CA THR A 413 14.51 2.84 24.45
C THR A 413 13.15 3.38 24.92
N PRO A 414 12.16 3.45 24.03
CA PRO A 414 10.82 3.88 24.46
C PRO A 414 10.28 2.95 25.54
N ILE A 415 9.66 3.55 26.55
CA ILE A 415 9.14 2.83 27.71
C ILE A 415 8.60 1.43 27.41
N TYR B 12 -30.82 -23.30 -7.42
CA TYR B 12 -29.35 -23.29 -7.37
C TYR B 12 -28.86 -22.76 -6.03
N PRO B 13 -28.10 -23.58 -5.31
CA PRO B 13 -27.79 -23.25 -3.91
C PRO B 13 -26.71 -22.20 -3.72
N ILE B 14 -25.98 -21.80 -4.75
CA ILE B 14 -24.84 -20.89 -4.58
C ILE B 14 -25.36 -19.46 -4.56
N LYS B 15 -25.14 -18.76 -3.46
CA LYS B 15 -25.50 -17.37 -3.35
C LYS B 15 -24.32 -16.47 -3.01
N THR B 16 -23.25 -17.03 -2.47
CA THR B 16 -22.05 -16.28 -2.12
C THR B 16 -20.86 -16.93 -2.81
N ILE B 17 -20.16 -16.16 -3.63
CA ILE B 17 -18.94 -16.60 -4.31
C ILE B 17 -17.78 -15.83 -3.72
N VAL B 18 -16.78 -16.57 -3.24
CA VAL B 18 -15.58 -16.02 -2.60
C VAL B 18 -14.38 -16.34 -3.47
N VAL B 19 -13.49 -15.36 -3.68
CA VAL B 19 -12.33 -15.51 -4.55
C VAL B 19 -11.07 -15.11 -3.78
N LEU B 20 -10.08 -16.00 -3.78
CA LEU B 20 -8.77 -15.75 -3.21
C LEU B 20 -7.71 -16.06 -4.27
N VAL B 21 -6.91 -15.05 -4.63
CA VAL B 21 -5.86 -15.18 -5.64
C VAL B 21 -4.49 -15.17 -4.94
N GLN B 22 -3.79 -16.30 -4.98
CA GLN B 22 -2.43 -16.46 -4.47
C GLN B 22 -1.40 -16.05 -5.53
N GLU B 23 -0.11 -16.20 -5.20
CA GLU B 23 0.95 -15.59 -6.00
C GLU B 23 1.94 -16.63 -6.54
N ASN B 24 2.18 -16.58 -7.86
CA ASN B 24 3.43 -17.04 -8.48
C ASN B 24 3.74 -18.53 -8.26
N ARG B 25 2.82 -19.40 -8.66
CA ARG B 25 3.11 -20.84 -8.62
C ARG B 25 2.40 -21.57 -9.75
N SER B 26 3.10 -22.54 -10.34
CA SER B 26 2.56 -23.36 -11.43
C SER B 26 1.79 -24.56 -10.90
N PHE B 27 1.01 -25.20 -11.78
CA PHE B 27 0.27 -26.39 -11.35
C PHE B 27 1.20 -27.52 -10.95
N ASP B 28 2.13 -27.90 -11.83
CA ASP B 28 2.99 -29.04 -11.52
C ASP B 28 3.82 -28.80 -10.26
N HIS B 29 4.28 -27.56 -10.06
CA HIS B 29 5.07 -27.22 -8.88
C HIS B 29 4.28 -27.40 -7.59
N THR B 30 2.99 -27.04 -7.60
CA THR B 30 2.17 -27.07 -6.39
C THR B 30 1.45 -28.39 -6.19
N LEU B 31 0.81 -28.91 -7.25
CA LEU B 31 -0.07 -30.06 -7.14
C LEU B 31 0.36 -31.22 -8.01
N GLY B 32 1.49 -31.12 -8.73
CA GLY B 32 1.83 -32.13 -9.72
C GLY B 32 2.06 -33.52 -9.13
N TRP B 33 2.58 -33.58 -7.91
CA TRP B 33 2.84 -34.88 -7.28
C TRP B 33 1.61 -35.48 -6.63
N PHE B 34 0.46 -34.79 -6.65
CA PHE B 34 -0.78 -35.39 -6.21
C PHE B 34 -1.30 -36.44 -7.18
N LYS B 35 -0.69 -36.59 -8.36
CA LYS B 35 -1.13 -37.64 -9.28
C LYS B 35 -0.98 -39.03 -8.65
N GLU B 36 -0.02 -39.18 -7.73
CA GLU B 36 0.09 -40.44 -7.01
C GLU B 36 -1.13 -40.70 -6.14
N LEU B 37 -1.78 -39.63 -5.65
CA LEU B 37 -3.00 -39.73 -4.87
C LEU B 37 -4.25 -39.85 -5.72
N ASN B 38 -4.18 -39.38 -6.97
CA ASN B 38 -5.33 -39.41 -7.87
C ASN B 38 -4.76 -39.41 -9.28
N ARG B 39 -4.76 -40.60 -9.89
CA ARG B 39 -4.19 -40.80 -11.22
C ARG B 39 -4.86 -39.91 -12.25
N GLU B 40 -6.12 -39.54 -12.00
CA GLU B 40 -6.88 -38.67 -12.90
C GLU B 40 -6.25 -37.28 -13.03
N ILE B 41 -5.49 -36.84 -12.03
CA ILE B 41 -4.85 -35.53 -12.08
C ILE B 41 -3.76 -35.53 -13.14
N ASP B 42 -3.79 -34.53 -14.03
CA ASP B 42 -2.75 -34.37 -15.05
C ASP B 42 -1.50 -33.77 -14.40
N GLY B 43 -0.82 -34.60 -13.62
CA GLY B 43 0.36 -34.19 -12.89
C GLY B 43 1.60 -34.87 -13.42
N VAL B 44 2.53 -35.23 -12.53
CA VAL B 44 3.82 -35.79 -12.94
C VAL B 44 4.08 -37.06 -12.15
N THR B 45 4.99 -37.90 -12.67
CA THR B 45 5.39 -39.14 -12.03
C THR B 45 6.91 -39.23 -11.95
N LYS B 46 7.40 -40.16 -11.11
CA LYS B 46 8.83 -40.46 -11.04
C LYS B 46 9.27 -41.37 -12.16
N SER B 47 8.39 -42.24 -12.64
CA SER B 47 8.77 -43.27 -13.61
C SER B 47 8.76 -42.76 -15.05
N ASP B 48 8.00 -41.73 -15.34
CA ASP B 48 8.00 -41.07 -16.65
C ASP B 48 8.19 -39.57 -16.44
N PRO B 49 9.35 -39.17 -15.92
CA PRO B 49 9.49 -37.82 -15.38
C PRO B 49 9.63 -36.75 -16.46
N LYS B 50 9.20 -35.55 -16.09
CA LYS B 50 9.39 -34.39 -16.93
C LYS B 50 10.81 -33.86 -16.77
N SER B 51 11.31 -33.17 -17.80
CA SER B 51 12.64 -32.61 -17.71
C SER B 51 12.76 -31.44 -18.68
N ASN B 52 13.78 -30.63 -18.43
CA ASN B 52 14.19 -29.49 -19.25
C ASN B 52 15.72 -29.52 -19.30
N THR B 53 16.32 -29.05 -20.40
CA THR B 53 17.77 -29.01 -20.54
C THR B 53 18.33 -27.60 -20.36
N VAL B 54 19.58 -27.55 -19.91
CA VAL B 54 20.30 -26.30 -19.68
C VAL B 54 21.59 -26.29 -20.49
N SER B 55 21.83 -25.20 -21.21
CA SER B 55 23.06 -24.95 -21.95
C SER B 55 23.84 -23.86 -21.22
N SER B 56 25.16 -24.05 -21.11
CA SER B 56 26.03 -23.08 -20.45
C SER B 56 27.39 -23.07 -21.12
N SER B 57 28.22 -22.09 -20.73
CA SER B 57 29.56 -21.96 -21.31
C SER B 57 30.50 -23.07 -20.86
N ASP B 58 30.68 -23.21 -19.54
CA ASP B 58 31.67 -24.15 -19.02
C ASP B 58 31.28 -25.61 -19.24
N THR B 59 30.02 -25.94 -19.00
CA THR B 59 29.52 -27.31 -19.00
C THR B 59 28.59 -27.62 -20.14
N ASN B 60 28.65 -28.90 -20.49
CA ASN B 60 27.89 -29.58 -21.50
C ASN B 60 26.40 -29.54 -21.15
N SER B 61 25.58 -29.85 -22.16
CA SER B 61 24.13 -29.79 -22.00
C SER B 61 23.72 -30.72 -20.86
N LEU B 62 22.88 -30.21 -19.97
CA LEU B 62 22.53 -30.90 -18.74
C LEU B 62 21.02 -31.01 -18.63
N ARG B 63 20.54 -32.24 -18.43
CA ARG B 63 19.12 -32.48 -18.22
C ARG B 63 18.79 -32.28 -16.75
N VAL B 64 17.76 -31.48 -16.49
CA VAL B 64 17.30 -31.24 -15.13
C VAL B 64 15.90 -31.86 -15.03
N VAL B 65 15.79 -32.90 -14.21
CA VAL B 65 14.56 -33.68 -14.08
C VAL B 65 13.65 -33.01 -13.06
N PHE B 66 12.36 -32.96 -13.37
CA PHE B 66 11.38 -32.43 -12.43
C PHE B 66 11.20 -33.39 -11.26
N GLY B 67 11.61 -32.93 -10.08
CA GLY B 67 11.51 -33.71 -8.86
C GLY B 67 10.46 -33.17 -7.91
N ASP B 68 10.41 -33.79 -6.73
CA ASP B 68 9.49 -33.40 -5.67
C ASP B 68 10.22 -32.81 -4.45
N GLN B 69 11.35 -32.12 -4.67
CA GLN B 69 12.18 -31.63 -3.58
C GLN B 69 12.03 -30.14 -3.33
N SER B 70 10.87 -29.56 -3.64
CA SER B 70 10.67 -28.15 -3.37
C SER B 70 10.81 -27.86 -1.88
N GLN B 71 11.60 -26.85 -1.57
CA GLN B 71 11.74 -26.32 -0.22
C GLN B 71 10.65 -25.29 0.02
N TYR B 72 10.36 -25.04 1.30
CA TYR B 72 9.34 -24.04 1.61
C TYR B 72 9.79 -22.64 1.19
N VAL B 73 11.09 -22.37 1.24
CA VAL B 73 11.64 -21.07 0.84
C VAL B 73 12.33 -21.21 -0.51
N ASN B 74 12.00 -20.33 -1.43
CA ASN B 74 12.55 -20.41 -2.77
C ASN B 74 12.80 -18.99 -3.25
N PRO B 75 13.67 -18.80 -4.23
CA PRO B 75 13.75 -17.50 -4.90
C PRO B 75 12.51 -17.29 -5.77
N ASP B 76 12.40 -16.08 -6.31
CA ASP B 76 11.34 -15.72 -7.24
C ASP B 76 11.88 -15.90 -8.64
N PRO B 77 11.46 -16.94 -9.39
CA PRO B 77 11.93 -17.09 -10.79
C PRO B 77 11.38 -16.00 -11.71
N GLY B 78 11.80 -15.98 -12.98
CA GLY B 78 11.33 -14.95 -13.89
C GLY B 78 9.90 -15.21 -14.35
N HIS B 79 9.08 -14.15 -14.35
CA HIS B 79 7.72 -14.28 -14.85
C HIS B 79 7.26 -13.03 -15.56
N SER B 80 8.18 -12.32 -16.22
CA SER B 80 7.79 -11.32 -17.19
C SER B 80 7.33 -11.99 -18.48
N ILE B 81 6.63 -11.22 -19.32
CA ILE B 81 6.19 -11.75 -20.61
C ILE B 81 7.39 -12.28 -21.40
N GLN B 82 8.54 -11.61 -21.31
CA GLN B 82 9.69 -12.07 -22.08
C GLN B 82 10.29 -13.36 -21.48
N ASP B 83 10.33 -13.48 -20.15
CA ASP B 83 10.76 -14.74 -19.53
C ASP B 83 9.84 -15.88 -19.94
N ILE B 84 8.52 -15.65 -19.91
CA ILE B 84 7.55 -16.70 -20.18
C ILE B 84 7.59 -17.11 -21.64
N TYR B 85 7.91 -16.17 -22.53
CA TYR B 85 8.12 -16.53 -23.93
C TYR B 85 9.20 -17.61 -24.03
N GLU B 86 10.34 -17.38 -23.39
CA GLU B 86 11.40 -18.38 -23.42
C GLU B 86 10.96 -19.68 -22.75
N GLN B 87 10.23 -19.56 -21.64
CA GLN B 87 9.78 -20.76 -20.92
C GLN B 87 8.89 -21.63 -21.81
N VAL B 88 7.89 -21.04 -22.46
CA VAL B 88 6.93 -21.90 -23.15
C VAL B 88 7.41 -22.32 -24.54
N PHE B 89 8.19 -21.49 -25.24
CA PHE B 89 8.63 -21.81 -26.60
C PHE B 89 10.04 -22.38 -26.68
N GLY B 90 10.81 -22.34 -25.60
CA GLY B 90 12.15 -22.90 -25.65
C GLY B 90 13.15 -22.09 -26.45
N LYS B 91 12.92 -20.79 -26.61
CA LYS B 91 13.88 -19.88 -27.24
C LYS B 91 13.58 -18.48 -26.76
N PRO B 92 14.57 -17.62 -26.64
CA PRO B 92 14.32 -16.27 -26.13
C PRO B 92 13.66 -15.37 -27.16
N TRP B 93 12.94 -14.38 -26.63
CA TRP B 93 12.44 -13.27 -27.43
C TRP B 93 13.58 -12.56 -28.12
N ASP B 94 13.35 -12.08 -29.34
CA ASP B 94 14.42 -11.43 -30.11
C ASP B 94 13.82 -10.22 -30.82
N SER B 95 14.04 -9.04 -30.25
CA SER B 95 13.47 -7.83 -30.83
C SER B 95 14.04 -7.53 -32.21
N GLY B 96 15.26 -8.02 -32.53
CA GLY B 96 15.82 -7.89 -33.87
C GLY B 96 15.40 -8.96 -34.86
N LYS B 97 14.59 -9.93 -34.43
CA LYS B 97 14.03 -10.99 -35.25
C LYS B 97 12.72 -11.42 -34.59
N PRO B 98 11.74 -10.53 -34.54
CA PRO B 98 10.57 -10.78 -33.67
C PRO B 98 9.72 -11.93 -34.18
N ASP B 99 9.36 -12.81 -33.26
CA ASP B 99 8.65 -14.04 -33.59
C ASP B 99 7.48 -14.20 -32.61
N PRO B 100 6.45 -13.35 -32.72
CA PRO B 100 5.38 -13.35 -31.70
C PRO B 100 4.56 -14.61 -31.63
N ASN B 101 4.43 -15.35 -32.73
CA ASN B 101 3.59 -16.54 -32.81
C ASN B 101 4.37 -17.70 -33.41
N PRO B 102 5.34 -18.27 -32.66
CA PRO B 102 6.22 -19.28 -33.24
C PRO B 102 5.59 -20.66 -33.43
N GLY B 103 4.43 -20.93 -32.82
CA GLY B 103 3.60 -22.08 -33.13
C GLY B 103 3.69 -23.26 -32.15
N HIS B 104 4.81 -23.42 -31.46
CA HIS B 104 5.21 -24.71 -30.91
C HIS B 104 5.45 -24.64 -29.40
N PRO B 105 4.39 -24.42 -28.59
CA PRO B 105 4.67 -24.32 -27.15
C PRO B 105 5.07 -25.69 -26.63
N ASN B 106 6.38 -26.00 -26.62
CA ASN B 106 6.83 -27.28 -26.12
C ASN B 106 7.25 -27.24 -24.66
N MET B 107 7.14 -26.09 -24.02
CA MET B 107 7.37 -25.97 -22.58
C MET B 107 8.79 -26.41 -22.19
N SER B 108 9.77 -26.14 -23.07
CA SER B 108 11.13 -26.65 -22.89
C SER B 108 12.12 -25.62 -22.35
N GLY B 109 11.68 -24.41 -22.02
CA GLY B 109 12.61 -23.36 -21.64
C GLY B 109 12.63 -22.91 -20.19
N PHE B 110 11.93 -23.61 -19.28
CA PHE B 110 11.89 -23.16 -17.89
C PHE B 110 13.27 -23.22 -17.24
N ALA B 111 13.99 -24.33 -17.42
CA ALA B 111 15.31 -24.46 -16.80
C ALA B 111 16.31 -23.47 -17.39
N GLN B 112 16.32 -23.32 -18.72
CA GLN B 112 17.21 -22.36 -19.36
C GLN B 112 16.90 -20.94 -18.91
N ASN B 113 15.61 -20.58 -18.90
CA ASN B 113 15.26 -19.23 -18.48
C ASN B 113 15.63 -19.00 -17.03
N ALA B 114 15.43 -20.01 -16.17
CA ALA B 114 15.83 -19.89 -14.78
C ALA B 114 17.32 -19.60 -14.65
N GLU B 115 18.14 -20.43 -15.31
CA GLU B 115 19.58 -20.24 -15.26
C GLU B 115 19.97 -18.86 -15.79
N ARG B 116 19.33 -18.43 -16.88
CA ARG B 116 19.59 -17.10 -17.42
C ARG B 116 19.33 -16.02 -16.37
N ASN B 117 18.27 -16.16 -15.58
CA ASN B 117 17.98 -15.13 -14.58
C ASN B 117 18.87 -15.24 -13.36
N LYS B 118 19.22 -16.45 -12.93
CA LYS B 118 20.06 -16.61 -11.74
C LYS B 118 20.68 -18.00 -11.78
N LYS B 119 22.01 -18.07 -11.70
CA LYS B 119 22.70 -19.36 -11.80
C LYS B 119 22.22 -20.30 -10.68
N GLY B 120 21.97 -21.56 -11.05
CA GLY B 120 21.47 -22.55 -10.11
C GLY B 120 19.96 -22.53 -9.87
N MET B 121 19.24 -21.50 -10.35
CA MET B 121 17.81 -21.40 -10.06
C MET B 121 16.97 -22.47 -10.79
N SER B 122 17.53 -23.21 -11.75
CA SER B 122 16.75 -24.26 -12.39
C SER B 122 16.34 -25.34 -11.39
N SER B 123 17.08 -25.52 -10.30
CA SER B 123 16.72 -26.55 -9.31
C SER B 123 15.38 -26.22 -8.66
N ALA B 124 15.18 -24.97 -8.25
CA ALA B 124 13.89 -24.60 -7.68
C ALA B 124 12.77 -24.62 -8.72
N VAL B 125 13.07 -24.19 -9.95
CA VAL B 125 12.05 -24.13 -11.00
C VAL B 125 11.61 -25.53 -11.39
N MET B 126 12.53 -26.50 -11.41
CA MET B 126 12.28 -27.88 -11.80
C MET B 126 12.01 -28.80 -10.62
N ASN B 127 11.31 -28.31 -9.60
CA ASN B 127 10.89 -29.12 -8.47
C ASN B 127 9.47 -28.75 -8.06
N GLY B 128 8.73 -29.74 -7.57
CA GLY B 128 7.43 -29.53 -6.96
C GLY B 128 7.40 -30.03 -5.53
N PHE B 129 6.25 -29.84 -4.88
CA PHE B 129 6.08 -30.20 -3.48
C PHE B 129 5.53 -31.61 -3.32
N LYS B 130 6.07 -32.35 -2.35
CA LYS B 130 5.42 -33.57 -1.92
C LYS B 130 4.06 -33.21 -1.33
N PRO B 131 3.02 -34.01 -1.59
CA PRO B 131 1.70 -33.66 -1.03
C PRO B 131 1.75 -33.44 0.47
N ASN B 132 2.51 -34.25 1.20
CA ASN B 132 2.53 -34.10 2.65
C ASN B 132 3.24 -32.84 3.11
N ALA B 133 4.00 -32.19 2.24
CA ALA B 133 4.64 -30.93 2.61
C ALA B 133 3.67 -29.77 2.63
N LEU B 134 2.49 -29.92 2.03
CA LEU B 134 1.48 -28.87 2.01
C LEU B 134 0.15 -29.41 2.56
N PRO B 135 0.09 -29.70 3.87
CA PRO B 135 -1.12 -30.34 4.43
C PRO B 135 -2.41 -29.55 4.19
N VAL B 136 -2.37 -28.23 4.30
CA VAL B 136 -3.58 -27.44 4.03
C VAL B 136 -4.11 -27.75 2.64
N TYR B 137 -3.22 -27.72 1.63
CA TYR B 137 -3.67 -27.99 0.26
C TYR B 137 -4.06 -29.44 0.09
N LYS B 138 -3.28 -30.37 0.65
CA LYS B 138 -3.61 -31.79 0.50
C LYS B 138 -5.02 -32.07 1.03
N GLU B 139 -5.36 -31.50 2.18
CA GLU B 139 -6.71 -31.72 2.74
C GLU B 139 -7.78 -31.06 1.87
N LEU B 140 -7.50 -29.86 1.36
CA LEU B 140 -8.49 -29.21 0.51
C LEU B 140 -8.69 -29.98 -0.79
N VAL B 141 -7.61 -30.54 -1.35
CA VAL B 141 -7.73 -31.33 -2.57
C VAL B 141 -8.55 -32.59 -2.31
N GLN B 142 -8.28 -33.28 -1.20
CA GLN B 142 -8.98 -34.53 -0.93
C GLN B 142 -10.44 -34.30 -0.54
N ASN B 143 -10.77 -33.13 0.01
CA ASN B 143 -12.13 -32.90 0.48
C ASN B 143 -12.99 -32.10 -0.50
N PHE B 144 -12.41 -31.50 -1.54
CA PHE B 144 -13.20 -30.72 -2.47
C PHE B 144 -12.74 -30.99 -3.91
N ALA B 145 -12.66 -29.94 -4.73
CA ALA B 145 -12.33 -30.09 -6.15
C ALA B 145 -11.13 -29.21 -6.53
N ILE B 146 -10.41 -29.63 -7.57
CA ILE B 146 -9.40 -28.83 -8.25
C ILE B 146 -9.65 -28.91 -9.75
N CYS B 147 -9.08 -27.96 -10.49
CA CYS B 147 -9.05 -28.00 -11.95
C CYS B 147 -7.60 -28.13 -12.38
N ASP B 148 -7.29 -29.17 -13.17
CA ASP B 148 -5.94 -29.39 -13.67
C ASP B 148 -5.78 -28.94 -15.11
N ARG B 149 -6.64 -28.05 -15.56
CA ARG B 149 -6.51 -27.47 -16.89
C ARG B 149 -6.92 -26.01 -16.87
N TRP B 150 -6.49 -25.28 -15.83
CA TRP B 150 -6.84 -23.87 -15.64
C TRP B 150 -5.59 -23.03 -15.86
N PHE B 151 -5.64 -22.17 -16.89
CA PHE B 151 -4.47 -21.41 -17.32
C PHE B 151 -4.54 -19.98 -16.81
N ALA B 152 -3.38 -19.43 -16.45
CA ALA B 152 -3.35 -17.98 -16.24
C ALA B 152 -3.81 -17.31 -17.52
N SER B 153 -4.52 -16.19 -17.38
CA SER B 153 -5.07 -15.52 -18.55
C SER B 153 -3.97 -14.99 -19.47
N VAL B 154 -2.83 -14.62 -18.92
CA VAL B 154 -1.78 -13.95 -19.70
C VAL B 154 -0.46 -14.64 -19.47
N PRO B 155 0.32 -14.93 -20.53
CA PRO B 155 1.71 -15.32 -20.34
C PRO B 155 2.57 -14.11 -20.02
N ALA B 156 2.23 -13.44 -18.92
CA ALA B 156 2.94 -12.26 -18.44
C ALA B 156 2.85 -12.25 -16.92
N SER B 157 3.25 -11.14 -16.31
CA SER B 157 3.44 -11.02 -14.88
C SER B 157 2.12 -10.88 -14.09
N THR B 158 2.30 -10.53 -12.82
CA THR B 158 1.22 -10.52 -11.82
C THR B 158 0.02 -9.65 -12.19
N GLN B 159 0.23 -8.38 -12.48
CA GLN B 159 -0.91 -7.48 -12.59
C GLN B 159 -1.79 -7.68 -13.83
N PRO B 160 -1.23 -7.95 -15.02
CA PRO B 160 -2.14 -8.23 -16.15
C PRO B 160 -3.08 -9.39 -15.83
N ASN B 161 -2.56 -10.44 -15.18
CA ASN B 161 -3.38 -11.58 -14.77
C ASN B 161 -4.41 -11.21 -13.70
N ARG B 162 -4.03 -10.42 -12.68
CA ARG B 162 -4.99 -9.99 -11.67
C ARG B 162 -6.09 -9.14 -12.28
N LEU B 163 -5.76 -8.32 -13.29
CA LEU B 163 -6.81 -7.57 -13.98
C LEU B 163 -7.87 -8.50 -14.57
N TYR B 164 -7.44 -9.64 -15.14
CA TYR B 164 -8.41 -10.57 -15.73
C TYR B 164 -9.36 -11.18 -14.70
N VAL B 165 -8.85 -11.45 -13.49
CA VAL B 165 -9.64 -12.17 -12.48
C VAL B 165 -11.00 -11.50 -12.24
N HIS B 166 -11.05 -10.17 -12.21
CA HIS B 166 -12.33 -9.50 -11.95
C HIS B 166 -12.81 -8.65 -13.11
N SER B 167 -12.16 -8.71 -14.29
CA SER B 167 -12.66 -7.96 -15.43
C SER B 167 -12.58 -8.67 -16.77
N ALA B 168 -11.94 -9.84 -16.85
CA ALA B 168 -11.80 -10.59 -18.10
C ALA B 168 -11.06 -9.79 -19.17
N THR B 169 -10.17 -8.90 -18.76
CA THR B 169 -9.23 -8.26 -19.68
C THR B 169 -8.13 -7.60 -18.86
N SER B 170 -7.01 -7.32 -19.51
CA SER B 170 -5.99 -6.46 -18.91
C SER B 170 -5.90 -5.12 -19.61
N HIS B 171 -6.82 -4.85 -20.55
CA HIS B 171 -6.88 -3.55 -21.21
C HIS B 171 -5.52 -3.20 -21.78
N GLY B 172 -4.90 -4.19 -22.44
CA GLY B 172 -3.63 -4.01 -23.10
C GLY B 172 -2.39 -4.28 -22.26
N ALA B 173 -2.54 -4.43 -20.93
CA ALA B 173 -1.36 -4.48 -20.09
C ALA B 173 -0.66 -5.84 -20.18
N THR B 174 0.69 -5.82 -20.36
CA THR B 174 1.50 -7.03 -20.26
C THR B 174 2.64 -6.87 -19.27
N SER B 175 2.66 -5.78 -18.50
CA SER B 175 3.68 -5.56 -17.48
C SER B 175 3.01 -5.01 -16.22
N ASN B 176 3.82 -4.86 -15.19
CA ASN B 176 3.41 -4.19 -13.96
C ASN B 176 3.86 -2.72 -14.01
N ASP B 177 3.19 -1.94 -14.86
CA ASP B 177 3.56 -0.54 -15.12
C ASP B 177 3.01 0.33 -13.98
N ALA B 178 3.90 0.78 -13.09
CA ALA B 178 3.47 1.54 -11.91
C ALA B 178 2.62 2.75 -12.28
N ALA B 179 3.09 3.55 -13.24
CA ALA B 179 2.33 4.72 -13.64
C ALA B 179 0.96 4.33 -14.19
N LEU B 180 0.91 3.27 -15.00
CA LEU B 180 -0.37 2.84 -15.56
C LEU B 180 -1.29 2.29 -14.48
N LEU B 181 -0.74 1.52 -13.54
CA LEU B 181 -1.57 0.94 -12.48
C LEU B 181 -2.15 2.02 -11.58
N LEU B 182 -1.32 3.00 -11.20
CA LEU B 182 -1.82 4.10 -10.36
C LEU B 182 -2.85 4.92 -11.10
N GLU B 183 -2.61 5.22 -12.38
CA GLU B 183 -3.66 5.87 -13.17
C GLU B 183 -4.91 5.02 -13.22
N GLY B 184 -4.77 3.70 -13.19
CA GLY B 184 -5.94 2.88 -13.08
C GLY B 184 -6.45 2.39 -14.42
N PHE B 185 -6.94 1.19 -14.43
CA PHE B 185 -7.47 0.64 -15.66
C PHE B 185 -8.97 0.77 -15.70
N PRO B 186 -9.52 1.28 -16.79
CA PRO B 186 -10.92 1.75 -16.80
C PRO B 186 -11.97 0.77 -17.29
N GLN B 187 -11.60 -0.49 -17.60
CA GLN B 187 -12.56 -1.43 -18.14
C GLN B 187 -13.64 -1.75 -17.11
N LYS B 188 -14.81 -2.18 -17.61
CA LYS B 188 -15.87 -2.61 -16.71
C LYS B 188 -15.46 -3.85 -15.95
N THR B 189 -15.84 -3.90 -14.68
CA THR B 189 -15.52 -5.00 -13.78
C THR B 189 -16.76 -5.81 -13.43
N ILE B 190 -16.52 -7.02 -12.94
CA ILE B 190 -17.61 -7.86 -12.49
C ILE B 190 -18.34 -7.22 -11.31
N PHE B 191 -17.64 -6.39 -10.54
CA PHE B 191 -18.28 -5.64 -9.46
C PHE B 191 -19.41 -4.77 -10.01
N GLU B 192 -19.15 -4.08 -11.12
CA GLU B 192 -20.17 -3.23 -11.72
C GLU B 192 -21.32 -4.06 -12.29
N SER B 193 -21.01 -5.18 -12.96
CA SER B 193 -22.07 -6.08 -13.43
C SER B 193 -22.98 -6.50 -12.28
N LEU B 194 -22.37 -6.89 -11.16
CA LEU B 194 -23.15 -7.33 -10.00
C LEU B 194 -23.98 -6.21 -9.42
N ASP B 195 -23.36 -5.06 -9.18
CA ASP B 195 -24.06 -3.93 -8.58
C ASP B 195 -25.24 -3.50 -9.44
N GLU B 196 -25.04 -3.36 -10.75
CA GLU B 196 -26.12 -2.96 -11.64
C GLU B 196 -27.30 -3.92 -11.60
N ALA B 197 -27.05 -5.21 -11.35
CA ALA B 197 -28.10 -6.21 -11.28
C ALA B 197 -28.66 -6.40 -9.88
N GLY B 198 -28.29 -5.54 -8.94
CA GLY B 198 -28.82 -5.61 -7.60
C GLY B 198 -28.10 -6.53 -6.64
N PHE B 199 -26.97 -7.09 -7.03
CA PHE B 199 -26.20 -7.97 -6.14
C PHE B 199 -25.15 -7.17 -5.37
N SER B 200 -24.74 -7.73 -4.24
CA SER B 200 -23.73 -7.11 -3.39
C SER B 200 -22.33 -7.64 -3.70
N PHE B 201 -21.32 -6.90 -3.28
CA PHE B 201 -19.95 -7.37 -3.36
C PHE B 201 -19.14 -6.70 -2.26
N GLY B 202 -18.12 -7.40 -1.80
CA GLY B 202 -17.21 -6.86 -0.80
C GLY B 202 -15.77 -7.27 -1.06
N ILE B 203 -14.85 -6.32 -0.92
CA ILE B 203 -13.42 -6.55 -1.07
C ILE B 203 -12.79 -6.39 0.31
N TYR B 204 -12.27 -7.49 0.85
CA TYR B 204 -11.69 -7.54 2.18
C TYR B 204 -10.16 -7.55 2.07
N TYR B 205 -9.54 -6.42 2.42
CA TYR B 205 -8.12 -6.20 2.18
C TYR B 205 -7.32 -6.04 3.47
N GLN B 206 -6.06 -6.47 3.41
CA GLN B 206 -5.13 -6.30 4.53
C GLN B 206 -4.25 -5.09 4.29
N PHE B 207 -3.37 -5.19 3.30
CA PHE B 207 -2.54 -4.07 2.84
C PHE B 207 -3.28 -3.45 1.64
N PRO B 208 -2.75 -2.41 0.96
CA PRO B 208 -3.47 -1.81 -0.19
C PRO B 208 -3.76 -2.84 -1.28
N PRO B 209 -5.02 -2.98 -1.68
CA PRO B 209 -5.38 -4.05 -2.62
C PRO B 209 -5.11 -3.69 -4.07
N SER B 210 -4.79 -4.73 -4.84
CA SER B 210 -4.58 -4.58 -6.28
C SER B 210 -5.87 -4.21 -7.01
N THR B 211 -7.03 -4.49 -6.43
CA THR B 211 -8.30 -4.08 -7.05
C THR B 211 -8.44 -2.57 -7.16
N LEU B 212 -7.65 -1.81 -6.41
CA LEU B 212 -7.65 -0.35 -6.56
C LEU B 212 -7.12 0.08 -7.92
N PHE B 213 -6.40 -0.82 -8.60
CA PHE B 213 -5.93 -0.54 -9.96
C PHE B 213 -7.09 -0.50 -10.96
N TYR B 214 -8.29 -0.97 -10.59
CA TYR B 214 -9.46 -0.74 -11.42
C TYR B 214 -9.95 0.69 -11.18
N ARG B 215 -9.89 1.54 -12.21
CA ARG B 215 -10.25 2.94 -12.00
C ARG B 215 -11.70 3.10 -11.57
N ASN B 216 -12.60 2.27 -12.12
CA ASN B 216 -14.02 2.45 -11.84
C ASN B 216 -14.37 2.24 -10.37
N LEU B 217 -13.57 1.44 -9.66
CA LEU B 217 -13.82 1.16 -8.24
C LEU B 217 -13.43 2.30 -7.34
N ARG B 218 -12.86 3.37 -7.89
CA ARG B 218 -12.50 4.52 -7.10
C ARG B 218 -13.65 5.52 -6.96
N LYS B 219 -14.79 5.25 -7.58
CA LYS B 219 -15.98 6.08 -7.34
C LYS B 219 -16.41 5.96 -5.89
N LEU B 220 -17.06 7.02 -5.41
CA LEU B 220 -17.48 7.07 -4.01
C LEU B 220 -18.35 5.87 -3.66
N LYS B 221 -19.33 5.56 -4.50
CA LYS B 221 -20.27 4.48 -4.21
C LYS B 221 -19.62 3.10 -4.19
N TYR B 222 -18.45 2.93 -4.79
CA TYR B 222 -17.78 1.64 -4.76
C TYR B 222 -16.71 1.57 -3.69
N LEU B 223 -16.11 2.70 -3.33
CA LEU B 223 -15.06 2.69 -2.31
C LEU B 223 -15.56 2.15 -0.98
N THR B 224 -16.87 2.29 -0.72
CA THR B 224 -17.48 1.78 0.51
C THR B 224 -17.55 0.26 0.55
N HIS B 225 -17.38 -0.41 -0.59
CA HIS B 225 -17.41 -1.87 -0.59
C HIS B 225 -16.07 -2.49 -0.20
N PHE B 226 -15.04 -1.68 0.01
CA PHE B 226 -13.78 -2.16 0.54
C PHE B 226 -13.86 -2.20 2.06
N HIS B 227 -13.38 -3.29 2.66
CA HIS B 227 -13.41 -3.47 4.11
C HIS B 227 -12.07 -4.00 4.57
N GLN B 228 -11.53 -3.44 5.65
CA GLN B 228 -10.33 -4.00 6.26
C GLN B 228 -10.56 -5.45 6.62
N TYR B 229 -9.64 -6.32 6.21
CA TYR B 229 -9.82 -7.75 6.46
C TYR B 229 -9.88 -8.04 7.95
N GLY B 230 -8.89 -7.58 8.71
CA GLY B 230 -8.84 -7.87 10.14
C GLY B 230 -10.06 -7.37 10.89
N ILE B 231 -10.61 -6.23 10.47
CA ILE B 231 -11.78 -5.67 11.15
C ILE B 231 -13.05 -6.45 10.77
N GLN B 232 -13.25 -6.69 9.47
CA GLN B 232 -14.58 -6.99 8.96
C GLN B 232 -14.80 -8.42 8.50
N PHE B 233 -13.74 -9.17 8.15
CA PHE B 233 -13.96 -10.44 7.43
C PHE B 233 -14.52 -11.52 8.34
N LYS B 234 -13.79 -11.86 9.41
CA LYS B 234 -14.29 -12.89 10.32
C LYS B 234 -15.64 -12.46 10.89
N LYS B 235 -15.84 -11.15 11.06
CA LYS B 235 -17.11 -10.65 11.58
C LYS B 235 -18.26 -10.98 10.65
N ASP B 236 -18.16 -10.59 9.37
CA ASP B 236 -19.22 -10.91 8.41
C ASP B 236 -19.37 -12.41 8.23
N CYS B 237 -18.30 -13.17 8.39
CA CYS B 237 -18.43 -14.62 8.33
C CYS B 237 -19.27 -15.17 9.47
N LYS B 238 -19.08 -14.66 10.68
CA LYS B 238 -19.85 -15.11 11.84
C LYS B 238 -21.34 -14.78 11.70
N GLU B 239 -21.67 -13.53 11.38
CA GLU B 239 -23.07 -13.12 11.36
C GLU B 239 -23.75 -13.42 10.04
N GLY B 240 -23.12 -14.23 9.18
CA GLY B 240 -23.76 -14.57 7.92
C GLY B 240 -24.07 -13.37 7.06
N LYS B 241 -23.21 -12.36 7.09
CA LYS B 241 -23.43 -11.11 6.37
C LYS B 241 -22.51 -10.98 5.17
N LEU B 242 -22.02 -12.08 4.61
CA LEU B 242 -21.14 -11.99 3.45
C LEU B 242 -21.93 -11.52 2.23
N PRO B 243 -21.43 -10.56 1.47
CA PRO B 243 -22.11 -10.15 0.24
C PRO B 243 -22.06 -11.27 -0.81
N ASN B 244 -22.65 -11.03 -1.99
CA ASN B 244 -22.80 -12.09 -2.98
C ASN B 244 -21.46 -12.47 -3.64
N TYR B 245 -20.52 -11.54 -3.68
CA TYR B 245 -19.20 -11.74 -4.27
C TYR B 245 -18.16 -11.21 -3.30
N VAL B 246 -17.33 -12.10 -2.76
CA VAL B 246 -16.32 -11.76 -1.77
C VAL B 246 -14.93 -11.91 -2.40
N VAL B 247 -14.11 -10.87 -2.31
CA VAL B 247 -12.71 -10.94 -2.69
C VAL B 247 -11.88 -10.72 -1.43
N VAL B 248 -10.98 -11.67 -1.15
CA VAL B 248 -10.00 -11.56 -0.08
C VAL B 248 -8.68 -11.17 -0.71
N GLU B 249 -8.19 -9.98 -0.35
CA GLU B 249 -6.93 -9.43 -0.83
C GLU B 249 -5.95 -9.37 0.32
N GLN B 250 -4.79 -10.01 0.16
CA GLN B 250 -3.90 -10.21 1.29
C GLN B 250 -2.58 -9.45 1.19
N ARG B 251 -1.94 -9.42 0.03
CA ARG B 251 -0.62 -8.82 -0.08
C ARG B 251 -0.69 -7.48 -0.80
N TRP B 252 0.23 -6.59 -0.44
CA TRP B 252 0.43 -5.37 -1.21
C TRP B 252 1.48 -5.64 -2.28
N PHE B 253 1.18 -5.26 -3.51
CA PHE B 253 2.14 -5.41 -4.59
C PHE B 253 3.09 -4.21 -4.57
N ASP B 254 4.39 -4.47 -4.42
CA ASP B 254 5.36 -3.37 -4.41
C ASP B 254 5.55 -2.84 -5.82
N LEU B 255 4.79 -1.80 -6.14
CA LEU B 255 4.85 -1.12 -7.42
C LEU B 255 6.24 -0.62 -7.77
N LEU B 256 7.10 -0.42 -6.77
CA LEU B 256 8.43 0.13 -6.96
C LEU B 256 9.51 -0.91 -7.19
N SER B 257 9.18 -2.20 -7.19
CA SER B 257 10.16 -3.28 -7.35
C SER B 257 10.54 -3.38 -8.83
N THR B 258 11.56 -2.62 -9.22
CA THR B 258 11.98 -2.55 -10.61
C THR B 258 12.98 -3.66 -10.97
N HIS B 264 15.72 -11.37 -7.51
CA HIS B 264 14.86 -12.53 -7.23
C HIS B 264 14.86 -12.87 -5.73
N PRO B 265 14.22 -12.04 -4.91
CA PRO B 265 14.24 -12.27 -3.46
C PRO B 265 13.46 -13.52 -3.07
N SER B 266 13.85 -14.10 -1.93
CA SER B 266 13.25 -15.32 -1.42
C SER B 266 12.00 -15.02 -0.61
N HIS B 267 11.07 -15.98 -0.60
CA HIS B 267 9.92 -15.90 0.29
C HIS B 267 9.37 -17.29 0.52
N ASP B 268 8.40 -17.38 1.43
CA ASP B 268 7.98 -18.63 2.05
C ASP B 268 6.56 -18.99 1.60
N VAL B 269 6.37 -20.24 1.18
CA VAL B 269 5.04 -20.73 0.84
C VAL B 269 4.13 -20.85 2.05
N SER B 270 4.70 -20.85 3.26
CA SER B 270 3.93 -21.16 4.46
C SER B 270 2.90 -20.08 4.75
N GLU B 271 3.25 -18.82 4.51
CA GLU B 271 2.30 -17.74 4.75
C GLU B 271 1.00 -17.96 3.97
N GLY B 272 1.11 -18.40 2.72
CA GLY B 272 -0.08 -18.64 1.92
C GLY B 272 -0.93 -19.79 2.43
N GLN B 273 -0.28 -20.84 2.93
CA GLN B 273 -1.03 -21.94 3.55
C GLN B 273 -1.78 -21.45 4.79
N LYS B 274 -1.11 -20.65 5.62
CA LYS B 274 -1.77 -20.11 6.81
C LYS B 274 -2.97 -19.25 6.43
N LEU B 275 -2.82 -18.40 5.42
CA LEU B 275 -3.95 -17.57 5.02
C LEU B 275 -5.09 -18.40 4.48
N VAL B 276 -4.79 -19.40 3.65
CA VAL B 276 -5.83 -20.26 3.09
C VAL B 276 -6.57 -20.96 4.23
N LYS B 277 -5.83 -21.48 5.20
CA LYS B 277 -6.45 -22.15 6.35
C LYS B 277 -7.39 -21.21 7.09
N GLU B 278 -6.92 -20.00 7.38
CA GLU B 278 -7.73 -19.04 8.10
C GLU B 278 -9.00 -18.71 7.33
N VAL B 279 -8.88 -18.47 6.01
CA VAL B 279 -10.06 -18.12 5.22
C VAL B 279 -11.01 -19.30 5.15
N TYR B 280 -10.49 -20.51 4.95
CA TYR B 280 -11.36 -21.67 4.84
C TYR B 280 -12.16 -21.88 6.12
N GLU B 281 -11.47 -21.89 7.26
CA GLU B 281 -12.14 -22.17 8.53
C GLU B 281 -13.19 -21.11 8.84
N ALA B 282 -12.90 -19.85 8.50
CA ALA B 282 -13.88 -18.78 8.72
C ALA B 282 -15.11 -18.97 7.84
N LEU B 283 -14.93 -19.39 6.58
CA LEU B 283 -16.09 -19.69 5.76
C LEU B 283 -16.81 -20.95 6.24
N ARG B 284 -16.05 -21.91 6.77
CA ARG B 284 -16.62 -23.22 7.11
C ARG B 284 -17.51 -23.13 8.35
N SER B 285 -17.15 -22.30 9.31
CA SER B 285 -17.96 -22.08 10.50
C SER B 285 -19.02 -21.00 10.31
N SER B 286 -19.20 -20.53 9.08
CA SER B 286 -20.17 -19.47 8.84
C SER B 286 -21.57 -20.05 8.64
N PRO B 287 -22.60 -19.35 9.07
CA PRO B 287 -23.98 -19.75 8.71
C PRO B 287 -24.21 -19.78 7.21
N GLN B 288 -23.39 -19.09 6.42
CA GLN B 288 -23.53 -19.07 4.97
C GLN B 288 -22.80 -20.21 4.28
N TRP B 289 -22.15 -21.10 5.03
CA TRP B 289 -21.36 -22.18 4.44
C TRP B 289 -22.15 -22.97 3.40
N ASN B 290 -23.44 -23.17 3.63
CA ASN B 290 -24.25 -23.98 2.71
C ASN B 290 -24.66 -23.25 1.44
N GLU B 291 -24.33 -21.97 1.30
CA GLU B 291 -24.57 -21.23 0.06
C GLU B 291 -23.28 -20.76 -0.60
N ILE B 292 -22.12 -21.22 -0.14
CA ILE B 292 -20.84 -20.62 -0.50
C ILE B 292 -20.15 -21.45 -1.58
N LEU B 293 -19.59 -20.77 -2.59
CA LEU B 293 -18.63 -21.34 -3.52
C LEU B 293 -17.33 -20.55 -3.41
N PHE B 294 -16.27 -21.22 -2.98
CA PHE B 294 -14.99 -20.60 -2.67
C PHE B 294 -13.98 -21.07 -3.70
N ILE B 295 -13.41 -20.14 -4.46
CA ILE B 295 -12.42 -20.46 -5.49
C ILE B 295 -11.06 -19.91 -5.07
N ILE B 296 -10.04 -20.77 -5.09
CA ILE B 296 -8.64 -20.38 -4.90
C ILE B 296 -7.94 -20.60 -6.23
N THR B 297 -7.19 -19.60 -6.69
CA THR B 297 -6.34 -19.74 -7.86
C THR B 297 -5.09 -18.89 -7.65
N TYR B 298 -4.19 -18.93 -8.63
CA TYR B 298 -2.92 -18.19 -8.59
C TYR B 298 -2.88 -17.21 -9.76
N ASP B 299 -2.35 -16.01 -9.49
CA ASP B 299 -2.33 -14.99 -10.54
C ASP B 299 -1.58 -15.49 -11.77
N GLU B 300 -0.38 -16.03 -11.58
CA GLU B 300 0.29 -16.78 -12.63
C GLU B 300 1.29 -17.73 -12.01
N HIS B 301 2.08 -18.39 -12.85
CA HIS B 301 2.84 -19.58 -12.47
C HIS B 301 4.20 -19.25 -11.84
N GLY B 302 4.59 -17.98 -11.81
CA GLY B 302 5.82 -17.50 -11.18
C GLY B 302 7.11 -17.91 -11.89
N GLY B 303 7.02 -18.56 -13.04
CA GLY B 303 8.20 -19.10 -13.70
C GLY B 303 8.54 -20.52 -13.31
N PHE B 304 7.76 -21.13 -12.42
CA PHE B 304 7.97 -22.54 -12.10
C PHE B 304 7.47 -23.43 -13.24
N TYR B 305 8.08 -24.61 -13.37
CA TYR B 305 7.83 -25.50 -14.48
C TYR B 305 6.37 -26.01 -14.49
N ASP B 306 5.84 -26.19 -15.71
CA ASP B 306 4.62 -26.97 -15.94
C ASP B 306 4.73 -27.60 -17.32
N HIS B 307 4.17 -28.82 -17.46
CA HIS B 307 4.35 -29.57 -18.70
C HIS B 307 3.26 -29.31 -19.75
N VAL B 308 2.14 -28.70 -19.39
CA VAL B 308 1.01 -28.61 -20.33
C VAL B 308 1.20 -27.44 -21.28
N PRO B 309 1.30 -27.69 -22.59
CA PRO B 309 1.46 -26.57 -23.54
C PRO B 309 0.35 -25.52 -23.38
N THR B 310 0.78 -24.26 -23.30
CA THR B 310 -0.14 -23.14 -23.22
C THR B 310 -0.96 -23.10 -24.51
N PRO B 311 -2.28 -23.04 -24.44
CA PRO B 311 -3.09 -22.95 -25.66
C PRO B 311 -2.73 -21.72 -26.49
N VAL B 312 -2.54 -21.95 -27.79
CA VAL B 312 -2.24 -20.91 -28.78
C VAL B 312 -3.29 -20.82 -29.88
N ASP B 313 -4.28 -21.72 -29.90
CA ASP B 313 -5.29 -21.78 -30.96
C ASP B 313 -6.65 -21.38 -30.41
N GLY B 314 -7.33 -20.48 -31.11
CA GLY B 314 -8.69 -20.10 -30.74
C GLY B 314 -8.80 -19.29 -29.47
N VAL B 315 -7.74 -18.60 -29.06
CA VAL B 315 -7.73 -17.78 -27.86
C VAL B 315 -7.99 -16.34 -28.30
N PRO B 316 -9.10 -15.72 -27.90
CA PRO B 316 -9.44 -14.38 -28.39
C PRO B 316 -8.84 -13.25 -27.58
N ASN B 317 -8.49 -12.18 -28.28
CA ASN B 317 -8.17 -10.93 -27.61
C ASN B 317 -9.46 -10.38 -27.00
N PRO B 318 -9.47 -10.02 -25.71
CA PRO B 318 -10.76 -9.67 -25.06
C PRO B 318 -11.41 -8.41 -25.61
N ASP B 319 -10.63 -7.44 -26.06
CA ASP B 319 -11.20 -6.14 -26.38
C ASP B 319 -10.48 -5.48 -27.55
N GLY B 320 -9.62 -6.20 -28.26
CA GLY B 320 -8.93 -5.62 -29.40
C GLY B 320 -7.73 -4.76 -29.06
N ILE B 321 -7.34 -4.63 -27.80
CA ILE B 321 -6.20 -3.79 -27.44
C ILE B 321 -4.94 -4.64 -27.40
N LEU B 322 -3.90 -4.18 -28.10
CA LEU B 322 -2.61 -4.85 -28.09
C LEU B 322 -1.77 -4.40 -26.91
N GLY B 323 -0.83 -5.25 -26.52
CA GLY B 323 0.12 -4.92 -25.49
C GLY B 323 1.15 -3.92 -25.98
N PRO B 324 1.98 -3.41 -25.08
CA PRO B 324 2.98 -2.39 -25.45
C PRO B 324 4.15 -3.01 -26.21
N PRO B 325 4.92 -2.18 -26.91
CA PRO B 325 6.14 -2.66 -27.55
C PRO B 325 7.16 -3.09 -26.50
N PRO B 326 8.12 -3.93 -26.86
CA PRO B 326 8.29 -4.49 -28.21
C PRO B 326 7.40 -5.70 -28.54
N TYR B 327 6.73 -6.26 -27.51
CA TYR B 327 6.00 -7.51 -27.75
C TYR B 327 4.73 -7.26 -28.55
N ASN B 328 4.13 -6.08 -28.41
CA ASN B 328 2.86 -5.78 -29.07
C ASN B 328 1.90 -6.95 -28.93
N PHE B 329 1.80 -7.47 -27.70
CA PHE B 329 1.16 -8.77 -27.47
C PHE B 329 -0.28 -8.78 -27.96
N GLU B 330 -0.66 -9.86 -28.66
CA GLU B 330 -1.98 -9.97 -29.24
C GLU B 330 -3.01 -10.63 -28.32
N PHE B 331 -2.63 -11.07 -27.11
CA PHE B 331 -3.54 -11.80 -26.23
C PHE B 331 -4.24 -12.93 -26.98
N ASN B 332 -3.44 -13.65 -27.76
CA ASN B 332 -3.89 -14.78 -28.57
C ASN B 332 -3.32 -16.10 -28.06
N ARG B 333 -2.76 -16.11 -26.84
CA ARG B 333 -2.04 -17.23 -26.24
C ARG B 333 -2.34 -17.13 -24.76
N LEU B 334 -2.60 -18.25 -24.09
CA LEU B 334 -2.84 -18.22 -22.65
C LEU B 334 -1.50 -18.27 -21.89
N GLY B 335 -1.60 -18.00 -20.59
CA GLY B 335 -0.48 -18.21 -19.68
C GLY B 335 -0.37 -19.66 -19.25
N VAL B 336 0.54 -19.90 -18.34
CA VAL B 336 0.83 -21.25 -17.87
C VAL B 336 -0.25 -21.71 -16.88
N ARG B 337 -0.44 -23.03 -16.81
CA ARG B 337 -1.36 -23.65 -15.86
C ARG B 337 -1.01 -23.30 -14.43
N VAL B 338 -2.04 -22.96 -13.66
CA VAL B 338 -1.90 -22.63 -12.24
C VAL B 338 -2.78 -23.59 -11.45
N PRO B 339 -2.48 -23.77 -10.15
CA PRO B 339 -3.43 -24.52 -9.30
C PRO B 339 -4.72 -23.73 -9.08
N THR B 340 -5.86 -24.41 -9.25
CA THR B 340 -7.16 -23.78 -8.95
C THR B 340 -8.00 -24.76 -8.14
N PHE B 341 -8.63 -24.26 -7.06
CA PHE B 341 -9.43 -25.05 -6.13
C PHE B 341 -10.88 -24.57 -6.15
N PHE B 342 -11.82 -25.52 -6.10
CA PHE B 342 -13.24 -25.22 -5.91
C PHE B 342 -13.70 -25.85 -4.60
N ILE B 343 -14.22 -25.03 -3.69
CA ILE B 343 -14.48 -25.45 -2.31
C ILE B 343 -15.90 -25.04 -1.95
N SER B 344 -16.72 -26.03 -1.57
CA SER B 344 -18.14 -25.88 -1.26
C SER B 344 -18.71 -27.21 -0.78
N PRO B 345 -19.63 -27.22 0.20
CA PRO B 345 -20.23 -28.49 0.63
C PRO B 345 -21.07 -29.18 -0.45
N TRP B 346 -21.37 -28.50 -1.55
CA TRP B 346 -22.12 -29.07 -2.66
C TRP B 346 -21.21 -29.77 -3.64
N ILE B 347 -19.93 -29.90 -3.29
CA ILE B 347 -18.93 -30.49 -4.17
C ILE B 347 -18.52 -31.85 -3.63
N GLU B 348 -18.44 -32.78 -4.55
CA GLU B 348 -18.05 -34.16 -4.34
C GLU B 348 -16.56 -34.19 -4.02
N PRO B 349 -16.14 -34.83 -2.91
CA PRO B 349 -14.73 -34.74 -2.52
C PRO B 349 -13.82 -35.52 -3.47
N GLY B 350 -12.61 -35.00 -3.65
CA GLY B 350 -11.66 -35.62 -4.56
C GLY B 350 -12.03 -35.46 -6.02
N THR B 351 -12.76 -34.40 -6.36
CA THR B 351 -13.17 -34.11 -7.74
C THR B 351 -12.08 -33.35 -8.47
N VAL B 352 -11.84 -33.72 -9.73
CA VAL B 352 -10.88 -33.05 -10.60
C VAL B 352 -11.56 -32.69 -11.92
N ILE B 353 -11.64 -31.40 -12.20
CA ILE B 353 -12.19 -30.86 -13.44
C ILE B 353 -11.04 -30.70 -14.44
N HIS B 354 -11.25 -31.09 -15.69
CA HIS B 354 -10.24 -30.97 -16.73
C HIS B 354 -10.58 -29.75 -17.61
N GLY B 355 -10.55 -29.85 -18.94
CA GLY B 355 -10.99 -28.78 -19.82
C GLY B 355 -12.50 -28.57 -19.75
N PRO B 356 -12.99 -27.46 -20.29
CA PRO B 356 -14.43 -27.19 -20.21
C PRO B 356 -15.23 -27.90 -21.29
N ASN B 357 -16.53 -28.01 -21.02
CA ASN B 357 -17.52 -28.46 -22.01
C ASN B 357 -18.22 -27.22 -22.59
N GLY B 358 -17.65 -26.67 -23.66
CA GLY B 358 -18.14 -25.43 -24.19
C GLY B 358 -17.67 -24.24 -23.36
N PRO B 359 -18.09 -23.02 -23.73
CA PRO B 359 -19.07 -22.66 -24.77
C PRO B 359 -18.60 -22.87 -26.22
N TYR B 360 -17.29 -22.92 -26.46
CA TYR B 360 -16.74 -23.13 -27.80
C TYR B 360 -15.79 -24.32 -27.82
N PRO B 361 -15.53 -24.89 -29.01
CA PRO B 361 -14.59 -26.02 -29.07
C PRO B 361 -13.22 -25.70 -28.50
N ARG B 362 -12.71 -24.49 -28.68
CA ARG B 362 -11.39 -24.15 -28.21
C ARG B 362 -11.41 -23.39 -26.88
N SER B 363 -12.55 -23.39 -26.20
CA SER B 363 -12.69 -22.76 -24.89
C SER B 363 -11.73 -23.40 -23.90
N GLN B 364 -11.32 -22.60 -22.92
CA GLN B 364 -10.44 -23.09 -21.88
C GLN B 364 -10.87 -22.50 -20.54
N TYR B 365 -10.54 -23.21 -19.47
CA TYR B 365 -10.63 -22.62 -18.15
C TYR B 365 -9.45 -21.67 -17.96
N GLU B 366 -9.72 -20.49 -17.43
CA GLU B 366 -8.69 -19.49 -17.17
C GLU B 366 -9.30 -18.49 -16.20
N HIS B 367 -8.55 -17.44 -15.85
CA HIS B 367 -9.08 -16.48 -14.88
C HIS B 367 -10.40 -15.86 -15.33
N SER B 368 -10.58 -15.63 -16.65
CA SER B 368 -11.86 -15.10 -17.12
C SER B 368 -13.02 -16.04 -16.81
N SER B 369 -12.73 -17.31 -16.52
CA SER B 369 -13.77 -18.23 -16.09
C SER B 369 -14.47 -17.76 -14.83
N ILE B 370 -13.79 -17.01 -13.97
CA ILE B 370 -14.40 -16.51 -12.74
C ILE B 370 -15.50 -15.51 -13.08
N PRO B 371 -15.22 -14.41 -13.82
CA PRO B 371 -16.34 -13.53 -14.21
C PRO B 371 -17.40 -14.25 -15.04
N ALA B 372 -16.98 -15.10 -15.98
CA ALA B 372 -17.94 -15.87 -16.77
C ALA B 372 -18.89 -16.68 -15.90
N THR B 373 -18.34 -17.42 -14.93
CA THR B 373 -19.16 -18.26 -14.05
C THR B 373 -20.04 -17.42 -13.12
N VAL B 374 -19.54 -16.28 -12.65
CA VAL B 374 -20.38 -15.36 -11.86
C VAL B 374 -21.57 -14.88 -12.70
N LYS B 375 -21.30 -14.43 -13.93
CA LYS B 375 -22.36 -14.08 -14.86
C LYS B 375 -23.35 -15.23 -15.05
N THR B 376 -22.85 -16.47 -15.07
CA THR B 376 -23.73 -17.61 -15.30
C THR B 376 -24.56 -17.94 -14.07
N ILE B 377 -23.95 -17.91 -12.88
CA ILE B 377 -24.63 -18.34 -11.67
C ILE B 377 -25.65 -17.31 -11.23
N PHE B 378 -25.33 -16.03 -11.38
CA PHE B 378 -26.24 -14.97 -10.98
C PHE B 378 -27.09 -14.48 -12.13
N LYS B 379 -26.99 -15.11 -13.30
CA LYS B 379 -27.78 -14.77 -14.48
C LYS B 379 -27.65 -13.28 -14.82
N LEU B 380 -26.45 -12.74 -14.67
CA LEU B 380 -26.20 -11.39 -15.14
C LEU B 380 -26.40 -11.36 -16.64
N LYS B 381 -26.74 -10.17 -17.16
CA LYS B 381 -27.21 -10.06 -18.54
C LYS B 381 -26.09 -10.27 -19.54
N ASP B 382 -24.94 -9.62 -19.34
CA ASP B 382 -23.88 -9.57 -20.35
C ASP B 382 -22.55 -10.03 -19.78
N PHE B 383 -21.75 -10.64 -20.66
CA PHE B 383 -20.34 -10.86 -20.38
C PHE B 383 -19.58 -9.54 -20.47
N LEU B 384 -18.38 -9.52 -19.88
CA LEU B 384 -17.59 -8.30 -19.88
C LEU B 384 -16.81 -8.11 -21.19
N SER B 385 -16.33 -9.19 -21.78
CA SER B 385 -15.44 -9.07 -22.94
C SER B 385 -15.56 -10.33 -23.80
N LYS B 386 -14.74 -10.41 -24.84
CA LYS B 386 -14.72 -11.62 -25.64
C LYS B 386 -14.07 -12.77 -24.91
N ARG B 387 -13.23 -12.50 -23.89
CA ARG B 387 -12.59 -13.57 -23.12
C ARG B 387 -13.59 -14.23 -22.18
N ASP B 388 -14.31 -13.39 -21.44
CA ASP B 388 -15.43 -13.75 -20.59
C ASP B 388 -16.45 -14.63 -21.33
N SER B 389 -16.88 -14.15 -22.49
CA SER B 389 -17.85 -14.88 -23.29
C SER B 389 -17.32 -16.21 -23.80
N TRP B 390 -15.99 -16.37 -23.92
CA TRP B 390 -15.41 -17.58 -24.49
C TRP B 390 -14.90 -18.58 -23.45
N ALA B 391 -14.54 -18.13 -22.25
CA ALA B 391 -13.94 -19.01 -21.25
C ALA B 391 -14.93 -20.06 -20.74
N GLY B 392 -14.38 -21.19 -20.31
CA GLY B 392 -15.22 -22.20 -19.67
C GLY B 392 -15.84 -21.69 -18.39
N THR B 393 -17.02 -22.23 -18.08
CA THR B 393 -17.68 -21.96 -16.82
C THR B 393 -17.75 -23.25 -16.01
N PHE B 394 -17.64 -23.12 -14.69
CA PHE B 394 -17.48 -24.29 -13.84
C PHE B 394 -18.66 -24.47 -12.87
N GLU B 395 -19.84 -23.94 -13.22
CA GLU B 395 -21.01 -24.12 -12.34
C GLU B 395 -21.37 -25.60 -12.16
N SER B 396 -21.01 -26.46 -13.12
CA SER B 396 -21.34 -27.87 -13.01
C SER B 396 -20.54 -28.58 -11.92
N VAL B 397 -19.57 -27.91 -11.30
CA VAL B 397 -18.87 -28.51 -10.17
C VAL B 397 -19.80 -28.67 -8.96
N ILE B 398 -20.91 -27.93 -8.92
CA ILE B 398 -21.92 -28.06 -7.89
C ILE B 398 -22.83 -29.21 -8.31
N THR B 399 -22.67 -30.39 -7.70
CA THR B 399 -23.34 -31.60 -8.18
C THR B 399 -24.25 -32.27 -7.16
N ARG B 400 -24.14 -31.93 -5.87
CA ARG B 400 -24.85 -32.69 -4.86
C ARG B 400 -26.31 -32.26 -4.76
N ASP B 401 -27.15 -33.17 -4.26
CA ASP B 401 -28.56 -32.88 -4.00
C ASP B 401 -28.75 -32.18 -2.66
N SER B 402 -27.88 -32.45 -1.70
CA SER B 402 -27.90 -31.82 -0.39
C SER B 402 -26.47 -31.45 -0.02
N PRO B 403 -26.28 -30.40 0.79
CA PRO B 403 -24.92 -30.04 1.18
C PRO B 403 -24.31 -31.10 2.07
N ARG B 404 -23.03 -31.40 1.82
CA ARG B 404 -22.29 -32.30 2.68
C ARG B 404 -22.19 -31.72 4.08
N GLN B 405 -22.27 -32.59 5.09
CA GLN B 405 -22.36 -32.16 6.48
C GLN B 405 -21.11 -32.46 7.29
N ASP B 406 -20.19 -33.27 6.78
CA ASP B 406 -18.97 -33.61 7.50
C ASP B 406 -17.72 -33.03 6.84
N CYS B 407 -17.84 -31.88 6.21
CA CYS B 407 -16.65 -31.20 5.70
C CYS B 407 -15.70 -30.89 6.86
N PRO B 408 -14.39 -31.02 6.65
CA PRO B 408 -13.44 -30.77 7.74
C PRO B 408 -13.74 -29.46 8.45
N GLU B 409 -13.77 -29.50 9.77
CA GLU B 409 -14.07 -28.30 10.52
C GLU B 409 -12.85 -27.40 10.60
N THR B 410 -11.69 -27.99 10.83
CA THR B 410 -10.41 -27.29 10.85
C THR B 410 -9.41 -28.06 10.01
N LEU B 411 -8.38 -27.36 9.56
CA LEU B 411 -7.35 -27.96 8.74
C LEU B 411 -6.06 -28.10 9.53
N SER B 412 -5.15 -28.93 9.02
CA SER B 412 -3.86 -29.12 9.68
C SER B 412 -3.10 -27.81 9.69
N THR B 413 -2.28 -27.64 10.71
CA THR B 413 -1.39 -26.50 10.76
C THR B 413 -0.26 -26.73 9.75
N PRO B 414 0.13 -25.70 9.00
CA PRO B 414 1.25 -25.86 8.05
C PRO B 414 2.53 -26.25 8.76
N ILE B 415 3.24 -27.20 8.16
CA ILE B 415 4.52 -27.71 8.68
C ILE B 415 5.34 -26.64 9.35
C1 GOL C . -23.88 29.99 14.42
O1 GOL C . -24.61 30.41 13.29
C2 GOL C . -22.40 30.51 14.32
O2 GOL C . -21.69 29.94 13.25
C3 GOL C . -22.53 32.06 14.24
O3 GOL C . -21.36 32.54 13.67
C1 PEG D . 23.80 2.20 15.20
O1 PEG D . 24.49 3.21 15.90
C2 PEG D . 23.99 2.34 13.69
O2 PEG D . 22.76 2.59 13.05
C3 PEG D . 22.49 1.81 11.91
C4 PEG D . 23.67 1.79 10.94
O4 PEG D . 23.53 2.79 9.96
#